data_4LBG
#
_entry.id   4LBG
#
_cell.length_a   80.819
_cell.length_b   90.984
_cell.length_c   92.655
_cell.angle_alpha   90.000
_cell.angle_beta   90.000
_cell.angle_gamma   90.000
#
_symmetry.space_group_name_H-M   'P 21 21 21'
#
loop_
_entity.id
_entity.type
_entity.pdbx_description
1 polymer 'Probable sugar kinase protein'
2 non-polymer ADENOSINE
3 non-polymer 'DIMETHYL SULFOXIDE'
4 non-polymer 'POTASSIUM ION'
5 water water
#
_entity_poly.entity_id   1
_entity_poly.type   'polypeptide(L)'
_entity_poly.pdbx_seq_one_letter_code
;(MSE)HHHHHHSSGVDLGTENLYFQS(MSE)TRFDVLTVGNAIVDIISRCNDQFLIDNQITKAA(MSE)NLIDAERAELL
YSR(MSE)GPALEASGGSAGNTAAGVANLGGKAAYFGNVAADQLGDIFTHDIRAQGVHYQTKPKGAFPPTARS(MSE)IF
VTEDGERS(MSE)NTYLGACVELGPEDVEADVVADAKVTYFEGYLWDPPRAKEAILDCARIAHQHGRE(MSE)S(MSE)T
LSDSFCVDRYRGEFLDL(MSE)RSGKVDIVFANRQEALSLYQTDDFEEALNRIAADCKIAAVT(MSE)SENGAVILKGRE
RYYVNAIRIREVVDTTGAGDLFASGFLYGYTQGRSLEDCGKLGCLAAGIVIQQIGPRP(MSE)TSLSEAAKQAGLI
;
_entity_poly.pdbx_strand_id   A,B
#
loop_
_chem_comp.id
_chem_comp.type
_chem_comp.name
_chem_comp.formula
ADN non-polymer ADENOSINE 'C10 H13 N5 O4'
DMS non-polymer 'DIMETHYL SULFOXIDE' 'C2 H6 O S'
K non-polymer 'POTASSIUM ION' 'K 1'
#
# COMPACT_ATOMS: atom_id res chain seq x y z
N SER A 22 20.43 20.20 29.30
CA SER A 22 19.07 19.91 28.75
C SER A 22 19.04 18.77 27.73
N MSE A 23 20.09 18.67 26.91
CA MSE A 23 20.04 17.83 25.67
C MSE A 23 19.81 16.35 25.88
O MSE A 23 20.60 15.67 26.51
CB MSE A 23 21.32 17.98 24.85
CG MSE A 23 21.31 19.26 24.06
SE MSE A 23 22.54 19.08 22.54
CE MSE A 23 24.11 18.45 23.54
N THR A 24 18.69 15.86 25.33
CA THR A 24 18.33 14.45 25.39
CA THR A 24 18.36 14.44 25.38
C THR A 24 18.29 13.85 23.98
N ARG A 25 18.78 12.61 23.85
CA ARG A 25 18.89 12.03 22.52
CA ARG A 25 18.88 11.94 22.55
C ARG A 25 17.54 11.84 21.84
N PHE A 26 16.53 11.42 22.64
CA PHE A 26 15.20 11.18 22.13
C PHE A 26 14.12 11.92 22.90
N ASP A 27 13.10 12.38 22.20
CA ASP A 27 11.89 12.88 22.82
C ASP A 27 10.99 11.72 23.21
N VAL A 28 10.76 10.79 22.27
CA VAL A 28 9.84 9.70 22.51
C VAL A 28 10.39 8.38 22.00
N LEU A 29 10.50 7.40 22.90
CA LEU A 29 10.73 6.02 22.54
C LEU A 29 9.39 5.33 22.62
N THR A 30 9.01 4.60 21.57
CA THR A 30 7.79 3.79 21.68
C THR A 30 8.12 2.30 21.58
N VAL A 31 7.25 1.46 22.14
CA VAL A 31 7.51 0.01 22.18
C VAL A 31 6.21 -0.70 21.86
N GLY A 32 6.25 -1.61 20.88
CA GLY A 32 5.03 -2.28 20.47
C GLY A 32 5.26 -3.49 19.61
N ASN A 33 4.15 -4.09 19.20
CA ASN A 33 4.14 -5.18 18.23
C ASN A 33 4.43 -4.67 16.81
N ALA A 34 5.56 -5.10 16.24
CA ALA A 34 5.96 -4.68 14.89
C ALA A 34 5.16 -5.45 13.85
N ILE A 35 4.31 -4.75 13.12
CA ILE A 35 3.30 -5.37 12.26
C ILE A 35 3.29 -4.70 10.89
N VAL A 36 3.11 -5.50 9.84
CA VAL A 36 2.78 -4.96 8.52
C VAL A 36 1.28 -5.15 8.29
N ASP A 37 0.60 -4.06 7.90
CA ASP A 37 -0.84 -4.12 7.62
C ASP A 37 -1.12 -4.55 6.17
N ILE A 38 -2.18 -5.34 6.03
CA ILE A 38 -2.70 -5.84 4.76
C ILE A 38 -4.13 -5.30 4.75
N ILE A 39 -4.41 -4.34 3.88
CA ILE A 39 -5.63 -3.51 3.97
C ILE A 39 -6.56 -3.71 2.80
N SER A 40 -7.85 -3.92 3.10
CA SER A 40 -8.84 -4.05 2.04
C SER A 40 -10.17 -3.49 2.50
N ARG A 41 -10.95 -2.93 1.59
CA ARG A 41 -12.32 -2.49 1.91
C ARG A 41 -13.25 -3.70 1.79
N CYS A 42 -14.24 -3.78 2.69
CA CYS A 42 -15.23 -4.85 2.62
C CYS A 42 -16.60 -4.29 2.90
N ASN A 43 -17.63 -5.06 2.53
CA ASN A 43 -19.00 -4.76 2.91
C ASN A 43 -19.28 -5.20 4.36
N ASP A 44 -20.43 -4.76 4.88
CA ASP A 44 -20.75 -5.00 6.29
C ASP A 44 -20.94 -6.48 6.55
N GLN A 45 -21.53 -7.17 5.57
CA GLN A 45 -21.82 -8.60 5.68
C GLN A 45 -20.56 -9.45 5.82
N PHE A 46 -19.44 -9.01 5.26
CA PHE A 46 -18.21 -9.77 5.33
C PHE A 46 -17.78 -10.02 6.79
N LEU A 47 -17.91 -9.00 7.62
CA LEU A 47 -17.51 -9.12 9.03
C LEU A 47 -18.40 -10.11 9.76
N ILE A 48 -19.70 -10.06 9.48
CA ILE A 48 -20.67 -11.00 10.04
C ILE A 48 -20.38 -12.44 9.58
N ASP A 49 -20.23 -12.64 8.28
CA ASP A 49 -19.95 -13.97 7.74
C ASP A 49 -18.71 -14.62 8.32
N ASN A 50 -17.71 -13.78 8.65
CA ASN A 50 -16.43 -14.26 9.12
C ASN A 50 -16.24 -14.10 10.63
N GLN A 51 -17.30 -13.70 11.31
CA GLN A 51 -17.29 -13.56 12.77
C GLN A 51 -16.10 -12.71 13.23
N ILE A 52 -15.87 -11.63 12.49
CA ILE A 52 -14.88 -10.63 12.87
C ILE A 52 -15.53 -9.55 13.73
N THR A 53 -14.97 -9.29 14.90
CA THR A 53 -15.54 -8.26 15.77
C THR A 53 -15.23 -6.86 15.19
N LYS A 54 -16.27 -6.11 14.85
CA LYS A 54 -16.11 -4.83 14.17
C LYS A 54 -15.41 -3.83 15.08
N ALA A 55 -14.50 -3.06 14.49
CA ALA A 55 -13.77 -1.99 15.20
C ALA A 55 -12.74 -2.44 16.21
N ALA A 56 -12.51 -3.75 16.27
CA ALA A 56 -11.61 -4.29 17.29
C ALA A 56 -10.37 -4.94 16.69
N MSE A 57 -9.43 -5.23 17.58
CA MSE A 57 -8.25 -6.02 17.24
C MSE A 57 -8.59 -7.45 17.60
O MSE A 57 -8.79 -7.80 18.79
CB MSE A 57 -7.08 -5.43 18.05
CG MSE A 57 -5.73 -5.87 17.52
SE MSE A 57 -5.31 -7.74 17.92
CE MSE A 57 -5.23 -7.56 19.85
N ASN A 58 -8.68 -8.30 16.58
CA ASN A 58 -8.99 -9.72 16.73
C ASN A 58 -7.70 -10.54 16.55
N LEU A 59 -7.18 -11.15 17.60
CA LEU A 59 -6.02 -12.02 17.46
C LEU A 59 -6.39 -13.29 16.70
N ILE A 60 -5.49 -13.74 15.84
CA ILE A 60 -5.72 -14.93 15.03
C ILE A 60 -4.46 -15.79 14.97
N ASP A 61 -4.66 -17.11 14.82
CA ASP A 61 -3.53 -18.02 14.61
C ASP A 61 -3.18 -18.16 13.13
N ALA A 62 -2.14 -18.92 12.86
CA ALA A 62 -1.63 -19.01 11.49
C ALA A 62 -2.67 -19.59 10.53
N GLU A 63 -3.37 -20.64 10.95
CA GLU A 63 -4.43 -21.25 10.13
C GLU A 63 -5.52 -20.23 9.80
N ARG A 64 -5.99 -19.50 10.81
CA ARG A 64 -7.02 -18.48 10.57
C ARG A 64 -6.49 -17.35 9.68
N ALA A 65 -5.23 -16.98 9.83
CA ALA A 65 -4.64 -15.98 8.95
C ALA A 65 -4.72 -16.43 7.49
N GLU A 66 -4.38 -17.68 7.24
CA GLU A 66 -4.49 -18.21 5.86
C GLU A 66 -5.93 -18.19 5.37
N LEU A 67 -6.85 -18.63 6.22
CA LEU A 67 -8.25 -18.69 5.87
C LEU A 67 -8.77 -17.30 5.52
N LEU A 68 -8.57 -16.34 6.42
CA LEU A 68 -9.08 -14.98 6.16
C LEU A 68 -8.44 -14.38 4.91
N TYR A 69 -7.15 -14.59 4.74
CA TYR A 69 -6.48 -14.05 3.54
C TYR A 69 -7.09 -14.62 2.27
N SER A 70 -7.42 -15.92 2.28
CA SER A 70 -8.03 -16.55 1.10
C SER A 70 -9.38 -15.92 0.73
N ARG A 71 -10.04 -15.29 1.71
CA ARG A 71 -11.33 -14.66 1.49
C ARG A 71 -11.24 -13.17 1.23
N MSE A 72 -10.06 -12.60 1.47
CA MSE A 72 -9.84 -11.16 1.33
C MSE A 72 -9.64 -10.77 -0.12
O MSE A 72 -9.06 -11.51 -0.93
CB MSE A 72 -8.59 -10.83 2.12
CG MSE A 72 -8.34 -9.32 2.11
SE MSE A 72 -6.80 -9.11 3.28
CE MSE A 72 -7.23 -7.37 4.10
N GLY A 73 -10.13 -9.58 -0.46
CA GLY A 73 -9.96 -9.03 -1.78
C GLY A 73 -8.54 -8.56 -2.03
N PRO A 74 -8.27 -8.04 -3.22
CA PRO A 74 -6.96 -7.45 -3.52
C PRO A 74 -6.64 -6.40 -2.46
N ALA A 75 -5.40 -6.39 -1.99
CA ALA A 75 -5.05 -5.57 -0.81
C ALA A 75 -3.89 -4.61 -1.08
N LEU A 76 -3.67 -3.70 -0.13
CA LEU A 76 -2.48 -2.84 -0.10
C LEU A 76 -1.74 -3.14 1.17
N GLU A 77 -0.40 -3.10 1.11
CA GLU A 77 0.41 -3.31 2.30
C GLU A 77 1.05 -2.00 2.76
N ALA A 78 1.10 -1.83 4.07
CA ALA A 78 1.68 -0.63 4.68
C ALA A 78 2.19 -1.02 6.04
N SER A 79 3.38 -0.54 6.39
CA SER A 79 3.89 -0.74 7.75
C SER A 79 2.90 -0.20 8.76
N GLY A 80 2.70 -0.95 9.84
CA GLY A 80 1.75 -0.60 10.88
C GLY A 80 2.33 -0.79 12.27
N GLY A 81 1.54 -1.36 13.17
CA GLY A 81 1.94 -1.50 14.56
C GLY A 81 1.58 -0.19 15.27
N SER A 82 0.72 -0.26 16.27
CA SER A 82 0.23 0.94 16.92
CA SER A 82 0.24 0.96 16.95
C SER A 82 1.37 1.89 17.37
N ALA A 83 2.28 1.37 18.19
CA ALA A 83 3.42 2.18 18.66
C ALA A 83 4.36 2.59 17.52
N GLY A 84 4.50 1.73 16.52
CA GLY A 84 5.31 2.04 15.33
C GLY A 84 4.77 3.29 14.65
N ASN A 85 3.46 3.30 14.44
CA ASN A 85 2.77 4.45 13.86
C ASN A 85 3.00 5.69 14.72
N THR A 86 2.88 5.55 16.03
CA THR A 86 3.09 6.70 16.92
C THR A 86 4.50 7.25 16.81
N ALA A 87 5.50 6.37 16.79
CA ALA A 87 6.88 6.86 16.65
C ALA A 87 7.05 7.58 15.33
N ALA A 88 6.52 6.98 14.26
CA ALA A 88 6.62 7.61 12.93
C ALA A 88 5.99 8.99 12.94
N GLY A 89 4.85 9.12 13.61
CA GLY A 89 4.16 10.42 13.68
C GLY A 89 4.94 11.49 14.42
N VAL A 90 5.60 11.09 15.51
CA VAL A 90 6.46 12.00 16.28
C VAL A 90 7.59 12.53 15.38
N ALA A 91 8.21 11.61 14.63
CA ALA A 91 9.32 11.97 13.75
C ALA A 91 8.82 12.90 12.63
N ASN A 92 7.66 12.60 12.08
CA ASN A 92 7.05 13.42 11.03
C ASN A 92 6.82 14.85 11.53
N LEU A 93 6.31 14.99 12.75
CA LEU A 93 6.12 16.32 13.36
C LEU A 93 7.41 17.10 13.64
N GLY A 94 8.53 16.40 13.72
CA GLY A 94 9.84 17.03 13.95
C GLY A 94 10.55 16.61 15.23
N GLY A 95 9.91 15.76 16.02
CA GLY A 95 10.50 15.26 17.25
C GLY A 95 11.50 14.14 16.97
N LYS A 96 12.28 13.82 17.98
CA LYS A 96 13.25 12.74 17.91
CA LYS A 96 13.25 12.74 17.91
C LYS A 96 12.68 11.44 18.52
N ALA A 97 12.49 10.45 17.66
CA ALA A 97 11.84 9.22 18.08
C ALA A 97 12.69 7.96 17.93
N ALA A 98 12.39 6.96 18.76
CA ALA A 98 13.01 5.65 18.67
C ALA A 98 11.90 4.61 18.88
N TYR A 99 12.19 3.39 18.47
CA TYR A 99 11.22 2.30 18.53
C TYR A 99 11.84 0.97 18.85
N PHE A 100 11.20 0.20 19.75
CA PHE A 100 11.56 -1.21 19.95
C PHE A 100 10.39 -2.08 19.49
N GLY A 101 10.70 -3.10 18.70
CA GLY A 101 9.67 -4.04 18.20
C GLY A 101 10.37 -5.07 17.35
N ASN A 102 9.86 -6.30 17.38
CA ASN A 102 10.57 -7.41 16.79
C ASN A 102 9.93 -7.93 15.52
N VAL A 103 10.67 -7.87 14.42
CA VAL A 103 10.28 -8.49 13.15
C VAL A 103 11.12 -9.76 12.91
N ALA A 104 10.76 -10.49 11.85
CA ALA A 104 11.57 -11.61 11.38
C ALA A 104 12.51 -11.15 10.27
N ALA A 105 13.47 -12.01 9.94
CA ALA A 105 14.42 -11.77 8.86
C ALA A 105 13.77 -12.26 7.57
N ASP A 106 12.77 -11.51 7.13
CA ASP A 106 12.04 -11.84 5.92
C ASP A 106 11.64 -10.56 5.19
N GLN A 107 10.98 -10.70 4.05
CA GLN A 107 10.62 -9.55 3.22
C GLN A 107 9.69 -8.57 3.93
N LEU A 108 8.70 -9.09 4.66
CA LEU A 108 7.82 -8.20 5.44
C LEU A 108 8.59 -7.46 6.53
N GLY A 109 9.51 -8.16 7.19
CA GLY A 109 10.39 -7.54 8.17
C GLY A 109 11.24 -6.44 7.54
N ASP A 110 11.73 -6.69 6.31
CA ASP A 110 12.55 -5.69 5.61
C ASP A 110 11.76 -4.44 5.25
N ILE A 111 10.50 -4.64 4.88
CA ILE A 111 9.58 -3.52 4.63
C ILE A 111 9.38 -2.70 5.90
N PHE A 112 9.07 -3.39 7.00
CA PHE A 112 8.84 -2.72 8.27
C PHE A 112 10.09 -1.91 8.68
N THR A 113 11.25 -2.55 8.59
CA THR A 113 12.51 -1.90 8.97
C THR A 113 12.76 -0.67 8.11
N HIS A 114 12.58 -0.82 6.79
CA HIS A 114 12.81 0.30 5.90
C HIS A 114 11.90 1.48 6.25
N ASP A 115 10.60 1.22 6.42
CA ASP A 115 9.65 2.33 6.51
C ASP A 115 9.86 3.15 7.77
N ILE A 116 10.09 2.47 8.90
CA ILE A 116 10.25 3.21 10.16
C ILE A 116 11.59 3.98 10.16
N ARG A 117 12.65 3.33 9.69
CA ARG A 117 13.96 4.01 9.62
C ARG A 117 13.94 5.18 8.61
N ALA A 118 13.22 4.99 7.50
CA ALA A 118 13.15 6.02 6.47
C ALA A 118 12.49 7.30 6.98
N GLN A 119 11.57 7.14 7.94
CA GLN A 119 10.89 8.26 8.61
C GLN A 119 11.82 9.00 9.60
N GLY A 120 13.01 8.43 9.83
CA GLY A 120 13.98 9.00 10.75
C GLY A 120 13.76 8.61 12.20
N VAL A 121 13.14 7.45 12.41
CA VAL A 121 13.04 6.84 13.73
C VAL A 121 14.22 5.90 13.94
N HIS A 122 14.86 6.01 15.11
CA HIS A 122 15.91 5.07 15.51
C HIS A 122 15.26 3.70 15.70
N TYR A 123 15.67 2.71 14.92
CA TYR A 123 15.12 1.37 15.04
C TYR A 123 16.23 0.36 14.82
N GLN A 124 16.57 -0.34 15.91
CA GLN A 124 17.73 -1.22 15.93
C GLN A 124 17.45 -2.63 16.49
N THR A 125 16.18 -2.94 16.75
CA THR A 125 15.84 -4.28 17.25
C THR A 125 16.20 -5.32 16.19
N LYS A 126 16.98 -6.32 16.57
CA LYS A 126 17.50 -7.31 15.64
C LYS A 126 16.55 -8.47 15.48
N PRO A 127 16.26 -8.91 14.23
CA PRO A 127 15.49 -10.14 14.08
C PRO A 127 16.24 -11.34 14.64
N LYS A 128 15.48 -12.35 15.06
CA LYS A 128 16.07 -13.56 15.67
C LYS A 128 16.20 -14.74 14.70
N GLY A 129 15.54 -14.62 13.56
CA GLY A 129 15.53 -15.61 12.49
C GLY A 129 14.34 -15.33 11.59
N ALA A 130 14.06 -16.26 10.68
CA ALA A 130 12.98 -16.08 9.72
C ALA A 130 11.64 -16.61 10.24
N PHE A 131 11.67 -17.41 11.32
CA PHE A 131 10.49 -18.08 11.83
C PHE A 131 10.41 -17.99 13.36
N PRO A 132 9.22 -17.60 13.91
CA PRO A 132 8.00 -17.23 13.20
C PRO A 132 8.19 -15.99 12.31
N PRO A 133 7.37 -15.88 11.25
CA PRO A 133 7.55 -14.76 10.32
C PRO A 133 7.02 -13.44 10.89
N THR A 134 7.31 -12.36 10.18
CA THR A 134 6.90 -11.04 10.65
C THR A 134 5.38 -10.96 10.85
N ALA A 135 4.94 -10.35 11.94
CA ALA A 135 3.51 -10.15 12.19
C ALA A 135 2.84 -9.40 11.05
N ARG A 136 1.59 -9.79 10.80
CA ARG A 136 0.78 -9.02 9.87
C ARG A 136 -0.64 -8.92 10.39
N SER A 137 -1.33 -7.85 10.00
CA SER A 137 -2.70 -7.63 10.41
C SER A 137 -3.54 -7.40 9.17
N MSE A 138 -4.55 -8.25 8.98
CA MSE A 138 -5.50 -8.04 7.89
C MSE A 138 -6.55 -7.10 8.41
O MSE A 138 -7.30 -7.41 9.36
CB MSE A 138 -6.10 -9.35 7.41
CG MSE A 138 -5.02 -9.93 6.52
SE MSE A 138 -5.64 -11.73 6.19
CE MSE A 138 -4.99 -12.54 7.87
N ILE A 139 -6.58 -5.90 7.82
CA ILE A 139 -7.44 -4.83 8.29
C ILE A 139 -8.53 -4.61 7.24
N PHE A 140 -9.78 -4.81 7.68
CA PHE A 140 -10.94 -4.65 6.80
C PHE A 140 -11.62 -3.34 7.12
N VAL A 141 -11.71 -2.49 6.10
CA VAL A 141 -12.28 -1.15 6.28
C VAL A 141 -13.68 -1.14 5.65
N THR A 142 -14.68 -0.87 6.48
CA THR A 142 -16.07 -0.80 6.05
C THR A 142 -16.40 0.58 5.47
N GLU A 143 -17.60 0.74 4.89
CA GLU A 143 -17.93 1.96 4.12
C GLU A 143 -17.99 3.19 5.02
N ASP A 144 -18.28 2.95 6.29
CA ASP A 144 -18.26 4.00 7.31
C ASP A 144 -16.85 4.45 7.72
N GLY A 145 -15.82 3.80 7.17
CA GLY A 145 -14.44 4.11 7.49
C GLY A 145 -13.90 3.44 8.73
N GLU A 146 -14.75 2.69 9.45
CA GLU A 146 -14.27 1.89 10.58
C GLU A 146 -13.32 0.78 10.13
N ARG A 147 -12.40 0.40 11.03
CA ARG A 147 -11.42 -0.63 10.69
CA ARG A 147 -11.40 -0.61 10.70
C ARG A 147 -11.47 -1.79 11.68
N SER A 148 -11.41 -3.01 11.14
CA SER A 148 -11.49 -4.21 11.96
C SER A 148 -10.27 -5.07 11.65
N MSE A 149 -9.45 -5.28 12.67
CA MSE A 149 -8.08 -5.80 12.45
C MSE A 149 -8.01 -7.24 12.90
O MSE A 149 -8.64 -7.62 13.88
CB MSE A 149 -7.03 -5.02 13.23
CG MSE A 149 -7.32 -3.55 13.00
SE MSE A 149 -5.84 -2.49 13.64
CE MSE A 149 -6.08 -2.77 15.54
N ASN A 150 -7.25 -8.04 12.15
CA ASN A 150 -7.13 -9.49 12.39
C ASN A 150 -5.65 -9.81 12.36
N THR A 151 -5.07 -10.00 13.53
CA THR A 151 -3.63 -9.91 13.70
C THR A 151 -3.01 -11.24 14.09
N TYR A 152 -2.08 -11.69 13.24
CA TYR A 152 -1.25 -12.82 13.56
C TYR A 152 0.09 -12.28 14.07
N LEU A 153 0.38 -12.55 15.33
CA LEU A 153 1.53 -11.92 16.01
C LEU A 153 2.90 -12.38 15.51
N GLY A 154 3.00 -13.60 14.99
CA GLY A 154 4.29 -14.07 14.43
C GLY A 154 5.48 -13.77 15.32
N ALA A 155 6.48 -13.13 14.73
CA ALA A 155 7.72 -12.81 15.42
C ALA A 155 7.56 -11.86 16.63
N CYS A 156 6.42 -11.15 16.76
CA CYS A 156 6.16 -10.33 17.97
C CYS A 156 6.24 -11.13 19.28
N VAL A 157 6.04 -12.45 19.19
CA VAL A 157 6.07 -13.28 20.40
C VAL A 157 7.48 -13.39 20.99
N GLU A 158 8.50 -13.01 20.20
CA GLU A 158 9.87 -13.07 20.67
C GLU A 158 10.37 -11.83 21.36
N LEU A 159 9.64 -10.71 21.31
CA LEU A 159 10.12 -9.49 21.96
C LEU A 159 10.26 -9.73 23.46
N GLY A 160 11.43 -9.41 23.99
CA GLY A 160 11.66 -9.62 25.41
C GLY A 160 12.67 -8.66 25.98
N PRO A 161 13.07 -8.87 27.26
CA PRO A 161 14.01 -7.97 27.93
C PRO A 161 15.34 -7.80 27.18
N GLU A 162 15.72 -8.80 26.36
CA GLU A 162 16.97 -8.74 25.58
C GLU A 162 16.95 -7.62 24.52
N ASP A 163 15.74 -7.14 24.21
CA ASP A 163 15.54 -6.13 23.19
C ASP A 163 15.48 -4.71 23.74
N VAL A 164 15.67 -4.56 25.05
CA VAL A 164 15.66 -3.23 25.67
C VAL A 164 17.05 -2.63 25.49
N GLU A 165 17.15 -1.56 24.70
CA GLU A 165 18.40 -0.79 24.58
C GLU A 165 18.35 0.21 25.73
N ALA A 166 19.03 -0.15 26.80
CA ALA A 166 18.93 0.62 28.04
C ALA A 166 19.37 2.08 27.90
N ASP A 167 20.40 2.33 27.09
CA ASP A 167 20.85 3.70 26.81
C ASP A 167 19.75 4.56 26.17
N VAL A 168 18.93 3.92 25.34
CA VAL A 168 17.87 4.63 24.63
C VAL A 168 16.77 5.02 25.62
N VAL A 169 16.34 4.06 26.46
CA VAL A 169 15.31 4.36 27.48
C VAL A 169 15.83 5.46 28.44
N ALA A 170 17.07 5.33 28.89
CA ALA A 170 17.68 6.34 29.76
C ALA A 170 17.71 7.75 29.14
N ASP A 171 17.83 7.81 27.82
CA ASP A 171 17.96 9.07 27.05
C ASP A 171 16.69 9.48 26.28
N ALA A 172 15.53 8.96 26.69
CA ALA A 172 14.26 9.35 26.06
C ALA A 172 13.37 10.08 27.09
N LYS A 173 12.85 11.24 26.71
CA LYS A 173 12.04 12.04 27.64
C LYS A 173 10.81 11.22 28.09
N VAL A 174 10.20 10.50 27.14
CA VAL A 174 9.02 9.67 27.39
C VAL A 174 9.22 8.33 26.69
N THR A 175 8.95 7.24 27.41
CA THR A 175 8.84 5.90 26.82
C THR A 175 7.35 5.53 26.88
N TYR A 176 6.81 5.23 25.71
CA TYR A 176 5.39 4.94 25.51
C TYR A 176 5.24 3.53 24.97
N PHE A 177 4.27 2.78 25.52
CA PHE A 177 4.08 1.40 25.06
C PHE A 177 2.60 1.03 24.91
N GLU A 178 2.36 -0.05 24.17
CA GLU A 178 1.00 -0.54 23.93
C GLU A 178 0.50 -1.50 25.00
N GLY A 179 -0.74 -1.32 25.42
CA GLY A 179 -1.44 -2.36 26.16
C GLY A 179 -1.43 -3.69 25.38
N TYR A 180 -1.43 -3.59 24.04
CA TYR A 180 -1.36 -4.78 23.19
C TYR A 180 -0.15 -5.68 23.51
N LEU A 181 0.91 -5.12 24.13
CA LEU A 181 2.07 -5.93 24.48
C LEU A 181 1.79 -6.99 25.55
N TRP A 182 0.63 -6.94 26.19
CA TRP A 182 0.30 -7.94 27.21
C TRP A 182 -0.15 -9.28 26.58
N ASP A 183 -0.43 -9.30 25.28
CA ASP A 183 -0.77 -10.56 24.60
C ASP A 183 0.43 -11.50 24.36
N PRO A 184 1.53 -11.00 23.74
CA PRO A 184 2.71 -11.89 23.61
C PRO A 184 3.28 -12.19 25.00
N PRO A 185 4.08 -13.26 25.12
CA PRO A 185 4.36 -13.75 26.47
C PRO A 185 5.37 -12.93 27.31
N ARG A 186 6.39 -12.39 26.67
CA ARG A 186 7.52 -11.87 27.42
C ARG A 186 7.70 -10.35 27.29
N ALA A 187 6.88 -9.72 26.44
CA ALA A 187 7.01 -8.27 26.20
C ALA A 187 6.86 -7.46 27.50
N LYS A 188 5.94 -7.89 28.37
CA LYS A 188 5.72 -7.22 29.64
C LYS A 188 6.97 -7.11 30.50
N GLU A 189 7.84 -8.13 30.46
CA GLU A 189 9.11 -8.10 31.18
C GLU A 189 10.00 -6.99 30.64
N ALA A 190 10.02 -6.81 29.31
CA ALA A 190 10.75 -5.68 28.72
C ALA A 190 10.23 -4.34 29.19
N ILE A 191 8.90 -4.22 29.25
CA ILE A 191 8.25 -2.98 29.68
C ILE A 191 8.56 -2.66 31.14
N LEU A 192 8.53 -3.66 32.02
CA LEU A 192 8.93 -3.44 33.41
C LEU A 192 10.40 -2.96 33.51
N ASP A 193 11.28 -3.53 32.69
CA ASP A 193 12.67 -3.04 32.62
C ASP A 193 12.73 -1.59 32.15
N CYS A 194 11.97 -1.24 31.09
CA CYS A 194 11.86 0.15 30.62
C CYS A 194 11.42 1.11 31.73
N ALA A 195 10.40 0.71 32.50
CA ALA A 195 9.85 1.56 33.53
C ALA A 195 10.91 1.83 34.59
N ARG A 196 11.69 0.80 34.93
CA ARG A 196 12.73 0.96 35.95
C ARG A 196 13.80 1.94 35.48
N ILE A 197 14.29 1.73 34.26
CA ILE A 197 15.33 2.56 33.68
C ILE A 197 14.86 4.01 33.50
N ALA A 198 13.66 4.18 32.91
CA ALA A 198 13.10 5.50 32.64
C ALA A 198 13.00 6.28 33.94
N HIS A 199 12.40 5.66 34.96
CA HIS A 199 12.20 6.37 36.21
C HIS A 199 13.49 6.64 37.00
N GLN A 200 14.48 5.74 36.87
CA GLN A 200 15.80 5.97 37.52
C GLN A 200 16.48 7.20 36.91
N HIS A 201 16.21 7.44 35.63
CA HIS A 201 16.82 8.56 34.92
C HIS A 201 15.92 9.80 34.85
N GLY A 202 14.85 9.83 35.67
CA GLY A 202 13.95 10.98 35.73
C GLY A 202 13.08 11.19 34.50
N ARG A 203 12.86 10.13 33.72
CA ARG A 203 12.00 10.21 32.55
C ARG A 203 10.55 9.81 32.89
N GLU A 204 9.65 9.89 31.90
CA GLU A 204 8.28 9.50 32.15
C GLU A 204 7.87 8.34 31.28
N MSE A 205 6.92 7.58 31.79
CA MSE A 205 6.36 6.41 31.12
C MSE A 205 4.94 6.65 30.73
O MSE A 205 4.15 7.24 31.46
CB MSE A 205 6.34 5.24 32.09
CG MSE A 205 7.69 4.66 32.52
SE MSE A 205 8.61 3.92 30.96
CE MSE A 205 7.37 2.49 30.44
N SER A 206 4.58 6.11 29.57
CA SER A 206 3.23 6.30 29.07
C SER A 206 2.73 5.03 28.44
N MSE A 207 1.42 4.80 28.51
CA MSE A 207 0.81 3.65 27.80
C MSE A 207 -0.47 4.03 27.15
O MSE A 207 -1.12 5.00 27.54
CB MSE A 207 0.63 2.49 28.72
CG MSE A 207 -0.66 2.58 29.48
SE MSE A 207 -0.92 0.95 30.52
CE MSE A 207 -1.26 -0.33 29.07
N THR A 208 -0.83 3.26 26.14
CA THR A 208 -2.17 3.33 25.60
C THR A 208 -2.91 2.06 25.98
N LEU A 209 -4.20 2.20 26.27
CA LEU A 209 -5.04 1.04 26.58
C LEU A 209 -5.34 0.18 25.35
N SER A 210 -5.05 0.71 24.15
CA SER A 210 -4.99 -0.04 22.88
C SER A 210 -6.33 -0.44 22.28
N ASP A 211 -7.16 -1.14 23.06
CA ASP A 211 -8.36 -1.76 22.50
C ASP A 211 -9.23 -2.20 23.68
N SER A 212 -10.54 -2.03 23.56
CA SER A 212 -11.44 -2.35 24.70
C SER A 212 -11.40 -3.81 25.13
N PHE A 213 -11.21 -4.74 24.18
CA PHE A 213 -11.12 -6.16 24.53
C PHE A 213 -9.77 -6.47 25.14
N CYS A 214 -8.72 -5.77 24.68
CA CYS A 214 -7.41 -5.87 25.33
C CYS A 214 -7.53 -5.43 26.81
N VAL A 215 -8.22 -4.33 27.06
CA VAL A 215 -8.52 -3.89 28.43
C VAL A 215 -9.29 -5.00 29.16
N ASP A 216 -10.32 -5.59 28.55
CA ASP A 216 -11.06 -6.69 29.19
C ASP A 216 -10.08 -7.79 29.65
N ARG A 217 -9.08 -8.11 28.81
CA ARG A 217 -8.13 -9.19 29.11
C ARG A 217 -7.18 -8.88 30.27
N TYR A 218 -6.79 -7.61 30.39
CA TYR A 218 -5.67 -7.21 31.26
C TYR A 218 -6.00 -6.07 32.21
N ARG A 219 -7.30 -5.88 32.47
CA ARG A 219 -7.80 -4.80 33.28
C ARG A 219 -7.05 -4.61 34.61
N GLY A 220 -6.91 -5.69 35.38
CA GLY A 220 -6.23 -5.62 36.68
C GLY A 220 -4.78 -5.22 36.54
N GLU A 221 -4.10 -5.79 35.54
CA GLU A 221 -2.69 -5.50 35.33
C GLU A 221 -2.49 -4.06 34.88
N PHE A 222 -3.37 -3.57 33.99
CA PHE A 222 -3.30 -2.18 33.59
C PHE A 222 -3.52 -1.20 34.76
N LEU A 223 -4.54 -1.45 35.58
CA LEU A 223 -4.79 -0.62 36.76
C LEU A 223 -3.56 -0.64 37.70
N ASP A 224 -2.93 -1.80 37.83
CA ASP A 224 -1.75 -1.93 38.70
C ASP A 224 -0.57 -1.10 38.14
N LEU A 225 -0.40 -1.12 36.82
CA LEU A 225 0.67 -0.30 36.21
C LEU A 225 0.47 1.16 36.56
N MSE A 226 -0.77 1.62 36.55
CA MSE A 226 -1.07 3.04 36.78
C MSE A 226 -0.95 3.37 38.26
O MSE A 226 -0.32 4.37 38.65
CB MSE A 226 -2.48 3.34 36.27
CG MSE A 226 -2.56 3.25 34.74
SE MSE A 226 -4.46 3.01 34.24
CE MSE A 226 -5.11 4.81 34.67
N ARG A 227 -1.54 2.53 39.10
CA ARG A 227 -1.61 2.82 40.53
C ARG A 227 -0.27 2.71 41.24
N SER A 228 0.60 1.83 40.74
CA SER A 228 1.93 1.64 41.28
C SER A 228 2.90 2.72 40.78
N GLY A 229 2.45 3.54 39.82
CA GLY A 229 3.27 4.62 39.28
C GLY A 229 4.27 4.19 38.23
N LYS A 230 4.13 2.98 37.69
CA LYS A 230 4.97 2.55 36.59
C LYS A 230 4.62 3.30 35.31
N VAL A 231 3.34 3.64 35.17
CA VAL A 231 2.85 4.47 34.07
C VAL A 231 2.45 5.85 34.61
N ASP A 232 2.96 6.90 33.96
CA ASP A 232 2.64 8.28 34.32
C ASP A 232 1.54 8.90 33.46
N ILE A 233 1.52 8.57 32.18
CA ILE A 233 0.59 9.19 31.24
C ILE A 233 -0.17 8.08 30.50
N VAL A 234 -1.50 8.08 30.61
CA VAL A 234 -2.31 7.04 29.96
CA VAL A 234 -2.29 7.04 29.94
C VAL A 234 -3.17 7.61 28.83
N PHE A 235 -3.17 6.92 27.69
CA PHE A 235 -4.06 7.24 26.57
C PHE A 235 -5.19 6.22 26.52
N ALA A 236 -6.40 6.71 26.36
CA ALA A 236 -7.60 5.85 26.20
C ALA A 236 -8.56 6.49 25.23
N ASN A 237 -9.37 5.69 24.56
CA ASN A 237 -10.58 6.21 23.93
C ASN A 237 -11.77 5.96 24.86
N ARG A 238 -12.95 6.46 24.48
CA ARG A 238 -14.15 6.31 25.32
C ARG A 238 -14.38 4.85 25.67
N GLN A 239 -14.35 3.99 24.66
CA GLN A 239 -14.67 2.56 24.84
C GLN A 239 -13.71 1.89 25.83
N GLU A 240 -12.41 2.22 25.70
CA GLU A 240 -11.38 1.66 26.57
C GLU A 240 -11.56 2.14 28.00
N ALA A 241 -11.87 3.43 28.15
CA ALA A 241 -12.09 4.00 29.50
C ALA A 241 -13.29 3.36 30.19
N LEU A 242 -14.39 3.18 29.44
CA LEU A 242 -15.59 2.49 29.97
C LEU A 242 -15.23 1.04 30.35
N SER A 243 -14.47 0.38 29.48
N SER A 243 -14.47 0.37 29.49
CA SER A 243 -14.04 -1.00 29.73
CA SER A 243 -14.07 -1.01 29.78
C SER A 243 -13.15 -1.11 30.96
C SER A 243 -13.15 -1.11 30.99
N LEU A 244 -12.25 -0.14 31.14
CA LEU A 244 -11.32 -0.18 32.26
C LEU A 244 -12.02 -0.28 33.62
N TYR A 245 -13.14 0.44 33.76
CA TYR A 245 -13.91 0.46 35.01
C TYR A 245 -15.23 -0.32 34.92
N GLN A 246 -15.44 -1.02 33.80
CA GLN A 246 -16.66 -1.81 33.56
C GLN A 246 -17.93 -1.01 33.87
N THR A 247 -18.00 0.17 33.30
CA THR A 247 -19.10 1.08 33.53
C THR A 247 -19.67 1.54 32.19
N ASP A 248 -20.93 1.97 32.20
CA ASP A 248 -21.50 2.69 31.07
C ASP A 248 -21.55 4.21 31.33
N ASP A 249 -21.05 4.63 32.49
CA ASP A 249 -21.05 6.05 32.87
C ASP A 249 -19.70 6.65 32.52
N PHE A 250 -19.66 7.43 31.44
CA PHE A 250 -18.40 8.05 31.01
C PHE A 250 -17.84 9.04 32.03
N GLU A 251 -18.72 9.78 32.71
CA GLU A 251 -18.25 10.71 33.73
C GLU A 251 -17.56 9.97 34.88
N GLU A 252 -18.11 8.82 35.27
CA GLU A 252 -17.44 7.97 36.24
C GLU A 252 -16.06 7.54 35.73
N ALA A 253 -16.02 7.07 34.49
CA ALA A 253 -14.74 6.64 33.89
C ALA A 253 -13.68 7.77 33.93
N LEU A 254 -14.09 8.99 33.62
CA LEU A 254 -13.15 10.13 33.63
C LEU A 254 -12.67 10.43 35.05
N ASN A 255 -13.60 10.43 36.01
CA ASN A 255 -13.21 10.67 37.40
C ASN A 255 -12.24 9.62 37.92
N ARG A 256 -12.49 8.36 37.57
CA ARG A 256 -11.66 7.27 38.03
C ARG A 256 -10.29 7.26 37.36
N ILE A 257 -10.24 7.50 36.06
CA ILE A 257 -8.95 7.45 35.37
C ILE A 257 -8.05 8.59 35.87
N ALA A 258 -8.65 9.73 36.18
CA ALA A 258 -7.89 10.87 36.68
C ALA A 258 -7.29 10.55 38.06
N ALA A 259 -7.97 9.73 38.84
CA ALA A 259 -7.49 9.33 40.16
C ALA A 259 -6.40 8.25 40.08
N ASP A 260 -6.37 7.52 38.96
CA ASP A 260 -5.47 6.37 38.80
C ASP A 260 -4.12 6.66 38.11
N CYS A 261 -3.99 7.80 37.44
CA CYS A 261 -2.74 8.12 36.75
CA CYS A 261 -2.80 8.13 36.66
C CYS A 261 -2.50 9.62 36.79
N LYS A 262 -1.24 10.03 36.58
CA LYS A 262 -0.89 11.45 36.73
C LYS A 262 -1.53 12.31 35.65
N ILE A 263 -1.45 11.86 34.41
CA ILE A 263 -2.12 12.54 33.30
C ILE A 263 -2.84 11.48 32.47
N ALA A 264 -4.10 11.76 32.10
CA ALA A 264 -4.86 10.90 31.19
C ALA A 264 -5.31 11.70 29.98
N ALA A 265 -5.13 11.14 28.79
CA ALA A 265 -5.62 11.78 27.58
C ALA A 265 -6.66 10.83 27.00
N VAL A 266 -7.92 11.28 26.98
CA VAL A 266 -9.05 10.44 26.60
C VAL A 266 -9.71 10.96 25.34
N THR A 267 -9.68 10.16 24.29
CA THR A 267 -10.23 10.59 23.00
C THR A 267 -11.68 10.16 22.87
N MSE A 268 -12.45 10.96 22.14
CA MSE A 268 -13.86 10.71 21.96
C MSE A 268 -14.27 10.86 20.51
O MSE A 268 -15.30 11.46 20.21
CB MSE A 268 -14.66 11.66 22.86
CG MSE A 268 -14.13 11.66 24.29
SE MSE A 268 -14.95 13.10 25.32
CE MSE A 268 -13.98 14.63 24.57
N SER A 269 -13.45 10.31 19.62
CA SER A 269 -13.74 10.26 18.18
C SER A 269 -14.11 11.67 17.67
N GLU A 270 -15.25 11.79 17.00
CA GLU A 270 -15.69 13.05 16.42
C GLU A 270 -15.94 14.15 17.47
N ASN A 271 -16.10 13.76 18.73
CA ASN A 271 -16.29 14.70 19.83
C ASN A 271 -14.97 15.20 20.45
N GLY A 272 -13.86 14.92 19.79
CA GLY A 272 -12.56 15.44 20.19
C GLY A 272 -11.88 14.66 21.29
N ALA A 273 -11.40 15.36 22.33
CA ALA A 273 -10.62 14.73 23.40
C ALA A 273 -10.69 15.54 24.70
N VAL A 274 -10.33 14.89 25.79
CA VAL A 274 -10.24 15.58 27.08
C VAL A 274 -8.96 15.12 27.77
N ILE A 275 -8.20 16.09 28.27
CA ILE A 275 -6.95 15.81 28.97
C ILE A 275 -7.18 16.06 30.45
N LEU A 276 -6.84 15.08 31.28
CA LEU A 276 -7.04 15.17 32.72
C LEU A 276 -5.72 15.17 33.47
N LYS A 277 -5.61 16.07 34.45
CA LYS A 277 -4.48 16.07 35.36
C LYS A 277 -4.97 16.48 36.74
N GLY A 278 -5.02 15.52 37.67
CA GLY A 278 -5.61 15.78 38.98
C GLY A 278 -7.06 16.22 38.84
N ARG A 279 -7.36 17.45 39.25
CA ARG A 279 -8.70 18.02 39.09
C ARG A 279 -8.85 18.84 37.80
N GLU A 280 -7.74 19.07 37.10
CA GLU A 280 -7.73 19.86 35.87
C GLU A 280 -8.33 19.02 34.71
N ARG A 281 -9.21 19.62 33.91
CA ARG A 281 -9.72 19.02 32.67
C ARG A 281 -9.57 20.02 31.53
N TYR A 282 -9.01 19.54 30.41
CA TYR A 282 -8.84 20.37 29.21
C TYR A 282 -9.50 19.72 28.01
N TYR A 283 -10.63 20.27 27.56
CA TYR A 283 -11.36 19.73 26.41
C TYR A 283 -10.83 20.32 25.12
N VAL A 284 -10.72 19.48 24.10
CA VAL A 284 -10.24 19.87 22.77
C VAL A 284 -11.21 19.39 21.70
N ASN A 285 -11.47 20.21 20.69
CA ASN A 285 -12.33 19.82 19.58
C ASN A 285 -11.62 18.99 18.52
N ALA A 286 -12.36 18.08 17.88
CA ALA A 286 -11.86 17.37 16.71
C ALA A 286 -11.81 18.34 15.53
N ILE A 287 -10.92 18.10 14.57
CA ILE A 287 -10.85 18.94 13.37
C ILE A 287 -12.00 18.61 12.39
N ARG A 288 -12.19 19.48 11.39
CA ARG A 288 -13.12 19.27 10.29
C ARG A 288 -12.60 18.21 9.32
N ILE A 289 -13.48 17.27 8.99
CA ILE A 289 -13.14 16.19 8.09
C ILE A 289 -14.00 16.30 6.84
N ARG A 290 -13.36 16.30 5.67
CA ARG A 290 -14.06 16.18 4.40
C ARG A 290 -14.84 14.86 4.34
N GLU A 291 -14.16 13.77 4.68
CA GLU A 291 -14.73 12.43 4.69
C GLU A 291 -13.81 11.46 5.43
N VAL A 292 -14.40 10.57 6.23
CA VAL A 292 -13.61 9.57 6.96
C VAL A 292 -13.32 8.39 6.03
N VAL A 293 -12.06 8.34 5.56
CA VAL A 293 -11.61 7.35 4.58
C VAL A 293 -11.33 6.01 5.27
N ASP A 294 -10.52 6.08 6.32
CA ASP A 294 -10.04 4.89 7.00
C ASP A 294 -9.55 5.33 8.38
N THR A 295 -10.25 4.91 9.45
CA THR A 295 -9.88 5.36 10.82
C THR A 295 -8.59 4.72 11.38
N THR A 296 -7.98 3.78 10.64
CA THR A 296 -6.79 3.09 11.14
C THR A 296 -5.71 4.11 11.47
N GLY A 297 -5.17 4.02 12.69
CA GLY A 297 -4.11 4.92 13.13
C GLY A 297 -4.56 6.15 13.89
N ALA A 298 -5.86 6.41 13.95
CA ALA A 298 -6.32 7.64 14.59
C ALA A 298 -5.77 7.80 16.01
N GLY A 299 -5.97 6.81 16.85
CA GLY A 299 -5.49 6.93 18.20
C GLY A 299 -3.98 7.01 18.27
N ASP A 300 -3.30 6.29 17.37
CA ASP A 300 -1.85 6.25 17.38
C ASP A 300 -1.30 7.63 17.08
N LEU A 301 -1.92 8.31 16.13
CA LEU A 301 -1.46 9.64 15.70
C LEU A 301 -1.91 10.73 16.69
N PHE A 302 -3.04 10.52 17.36
CA PHE A 302 -3.36 11.37 18.51
C PHE A 302 -2.22 11.33 19.52
N ALA A 303 -1.74 10.13 19.84
CA ALA A 303 -0.61 9.99 20.75
C ALA A 303 0.67 10.66 20.20
N SER A 304 0.93 10.54 18.89
CA SER A 304 2.06 11.25 18.29
C SER A 304 2.01 12.76 18.56
N GLY A 305 0.86 13.35 18.27
CA GLY A 305 0.69 14.80 18.42
C GLY A 305 0.79 15.25 19.86
N PHE A 306 0.11 14.51 20.73
CA PHE A 306 0.17 14.79 22.16
C PHE A 306 1.60 14.70 22.71
N LEU A 307 2.27 13.59 22.44
CA LEU A 307 3.61 13.39 22.96
C LEU A 307 4.66 14.33 22.37
N TYR A 308 4.53 14.66 21.08
CA TYR A 308 5.37 15.70 20.48
C TYR A 308 5.21 17.03 21.25
N GLY A 309 3.96 17.47 21.42
CA GLY A 309 3.71 18.69 22.17
C GLY A 309 4.24 18.61 23.60
N TYR A 310 4.02 17.47 24.25
CA TYR A 310 4.39 17.30 25.65
C TYR A 310 5.89 17.41 25.84
N THR A 311 6.65 16.79 24.95
CA THR A 311 8.10 16.81 25.05
C THR A 311 8.71 18.10 24.48
N GLN A 312 7.88 18.96 23.90
CA GLN A 312 8.31 20.31 23.51
C GLN A 312 7.92 21.33 24.57
N GLY A 313 7.39 20.86 25.70
CA GLY A 313 6.99 21.76 26.80
C GLY A 313 5.71 22.53 26.59
N ARG A 314 4.83 22.04 25.73
CA ARG A 314 3.58 22.75 25.41
C ARG A 314 2.51 22.47 26.47
N SER A 315 1.53 23.37 26.56
CA SER A 315 0.41 23.20 27.48
C SER A 315 -0.34 21.91 27.19
N LEU A 316 -1.00 21.35 28.20
CA LEU A 316 -1.79 20.13 27.98
C LEU A 316 -2.87 20.34 26.91
N GLU A 317 -3.52 21.52 26.89
CA GLU A 317 -4.49 21.83 25.86
C GLU A 317 -3.87 21.78 24.45
N ASP A 318 -2.72 22.43 24.28
CA ASP A 318 -2.03 22.42 23.00
C ASP A 318 -1.54 21.02 22.59
N CYS A 319 -1.17 20.20 23.57
CA CYS A 319 -0.83 18.80 23.28
C CYS A 319 -2.06 18.09 22.71
N GLY A 320 -3.21 18.30 23.34
CA GLY A 320 -4.48 17.77 22.83
C GLY A 320 -4.78 18.29 21.43
N LYS A 321 -4.58 19.59 21.20
CA LYS A 321 -4.78 20.14 19.86
C LYS A 321 -3.90 19.48 18.80
N LEU A 322 -2.63 19.30 19.13
CA LEU A 322 -1.68 18.65 18.22
C LEU A 322 -2.09 17.20 17.94
N GLY A 323 -2.59 16.51 18.96
CA GLY A 323 -3.09 15.14 18.80
C GLY A 323 -4.27 15.07 17.87
N CYS A 324 -5.24 15.96 18.09
CA CYS A 324 -6.42 16.00 17.25
C CYS A 324 -6.09 16.35 15.80
N LEU A 325 -5.13 17.26 15.61
CA LEU A 325 -4.71 17.58 14.26
C LEU A 325 -4.12 16.37 13.54
N ALA A 326 -3.19 15.69 14.21
CA ALA A 326 -2.54 14.53 13.57
C ALA A 326 -3.53 13.40 13.29
N ALA A 327 -4.42 13.13 14.25
CA ALA A 327 -5.41 12.06 14.10
C ALA A 327 -6.40 12.37 12.96
N GLY A 328 -6.82 13.63 12.87
CA GLY A 328 -7.74 14.05 11.81
C GLY A 328 -7.12 13.90 10.41
N ILE A 329 -5.82 14.14 10.32
CA ILE A 329 -5.10 13.94 9.05
C ILE A 329 -5.04 12.46 8.67
N VAL A 330 -4.67 11.60 9.61
CA VAL A 330 -4.48 10.18 9.25
C VAL A 330 -5.78 9.47 8.84
N ILE A 331 -6.94 9.93 9.35
CA ILE A 331 -8.19 9.24 9.01
C ILE A 331 -8.74 9.61 7.63
N GLN A 332 -8.08 10.57 6.98
CA GLN A 332 -8.45 11.01 5.64
C GLN A 332 -7.57 10.39 4.56
N GLN A 333 -6.83 9.34 4.92
CA GLN A 333 -6.01 8.62 3.95
C GLN A 333 -6.06 7.12 4.21
N ILE A 334 -5.70 6.35 3.19
CA ILE A 334 -5.47 4.93 3.39
C ILE A 334 -4.03 4.76 3.88
N GLY A 335 -3.83 3.92 4.89
CA GLY A 335 -2.50 3.78 5.48
C GLY A 335 -2.46 4.43 6.85
N PRO A 336 -1.81 3.79 7.82
CA PRO A 336 -1.89 4.21 9.21
C PRO A 336 -0.89 5.29 9.58
N ARG A 337 -0.03 5.66 8.63
CA ARG A 337 1.02 6.65 8.87
C ARG A 337 0.87 7.77 7.86
N PRO A 338 0.66 9.01 8.33
CA PRO A 338 0.45 10.08 7.36
C PRO A 338 1.57 10.16 6.32
N MSE A 339 1.14 10.34 5.08
CA MSE A 339 2.04 10.51 3.94
C MSE A 339 2.34 11.95 3.65
O MSE A 339 3.15 12.25 2.77
CB MSE A 339 1.36 9.84 2.76
CG MSE A 339 1.17 8.36 3.07
SE MSE A 339 0.38 7.50 1.49
CE MSE A 339 -1.51 7.90 1.86
N THR A 340 1.69 12.85 4.39
CA THR A 340 1.89 14.30 4.25
C THR A 340 2.68 14.82 5.47
N SER A 341 3.13 16.07 5.41
CA SER A 341 3.94 16.63 6.49
C SER A 341 3.05 17.12 7.63
N LEU A 342 3.17 16.47 8.78
CA LEU A 342 2.46 16.92 9.96
C LEU A 342 3.02 18.24 10.50
N SER A 343 4.34 18.44 10.40
CA SER A 343 4.93 19.72 10.82
C SER A 343 4.36 20.89 9.99
N GLU A 344 4.22 20.70 8.67
CA GLU A 344 3.64 21.73 7.83
C GLU A 344 2.19 22.00 8.23
N ALA A 345 1.43 20.94 8.48
CA ALA A 345 0.03 21.10 8.89
C ALA A 345 -0.08 21.83 10.22
N ALA A 346 0.79 21.47 11.17
CA ALA A 346 0.85 22.11 12.49
C ALA A 346 1.20 23.60 12.38
N LYS A 347 2.13 23.93 11.48
CA LYS A 347 2.50 25.32 11.24
C LYS A 347 1.31 26.11 10.68
N GLN A 348 0.60 25.52 9.70
CA GLN A 348 -0.56 26.17 9.07
C GLN A 348 -1.67 26.41 10.09
N ALA A 349 -1.78 25.50 11.05
CA ALA A 349 -2.78 25.55 12.12
C ALA A 349 -2.38 26.45 13.30
N GLY A 350 -1.21 27.07 13.19
CA GLY A 350 -0.69 27.92 14.24
C GLY A 350 -0.30 27.22 15.53
N LEU A 351 -0.11 25.90 15.47
CA LEU A 351 0.29 25.13 16.64
C LEU A 351 1.80 25.07 16.70
N ILE A 352 2.40 25.25 15.53
CA ILE A 352 3.82 25.37 15.25
C ILE A 352 4.68 24.15 15.54
N MSE B 23 -18.93 -20.82 -26.52
CA MSE B 23 -18.41 -20.32 -25.21
C MSE B 23 -16.92 -20.45 -25.17
O MSE B 23 -16.38 -21.47 -25.58
CB MSE B 23 -18.96 -21.20 -24.08
CG MSE B 23 -20.45 -21.03 -23.86
SE MSE B 23 -20.86 -21.79 -22.09
CE MSE B 23 -20.52 -23.68 -22.51
N THR B 24 -16.23 -19.42 -24.67
CA THR B 24 -14.78 -19.52 -24.51
C THR B 24 -14.46 -19.22 -23.06
N ARG B 25 -13.43 -19.90 -22.53
CA ARG B 25 -13.16 -19.88 -21.11
C ARG B 25 -12.74 -18.49 -20.68
N PHE B 26 -11.94 -17.85 -21.53
CA PHE B 26 -11.40 -16.54 -21.22
C PHE B 26 -11.64 -15.51 -22.32
N ASP B 27 -11.91 -14.29 -21.90
CA ASP B 27 -11.96 -13.15 -22.80
C ASP B 27 -10.57 -12.63 -23.09
N VAL B 28 -9.79 -12.43 -22.04
CA VAL B 28 -8.44 -11.88 -22.16
C VAL B 28 -7.43 -12.63 -21.28
N LEU B 29 -6.39 -13.16 -21.93
CA LEU B 29 -5.21 -13.67 -21.26
C LEU B 29 -4.16 -12.56 -21.39
N THR B 30 -3.55 -12.15 -20.28
CA THR B 30 -2.39 -11.26 -20.43
C THR B 30 -1.12 -11.96 -19.96
N VAL B 31 0.01 -11.46 -20.46
CA VAL B 31 1.31 -12.05 -20.11
C VAL B 31 2.26 -10.90 -19.88
N GLY B 32 2.97 -10.95 -18.75
CA GLY B 32 3.90 -9.88 -18.44
C GLY B 32 4.83 -10.18 -17.29
N ASN B 33 5.62 -9.17 -16.95
CA ASN B 33 6.49 -9.23 -15.79
C ASN B 33 5.70 -9.07 -14.50
N ALA B 34 5.70 -10.11 -13.66
CA ALA B 34 4.96 -10.11 -12.38
C ALA B 34 5.76 -9.33 -11.34
N ILE B 35 5.20 -8.21 -10.89
CA ILE B 35 5.95 -7.21 -10.09
C ILE B 35 5.10 -6.73 -8.95
N VAL B 36 5.72 -6.52 -7.79
CA VAL B 36 5.10 -5.79 -6.69
C VAL B 36 5.67 -4.37 -6.67
N ASP B 37 4.77 -3.38 -6.63
CA ASP B 37 5.16 -1.97 -6.60
C ASP B 37 5.42 -1.51 -5.19
N ILE B 38 6.44 -0.66 -5.06
CA ILE B 38 6.83 -0.02 -3.81
C ILE B 38 6.77 1.46 -4.12
N ILE B 39 5.79 2.17 -3.54
CA ILE B 39 5.37 3.48 -4.02
C ILE B 39 5.65 4.57 -2.99
N SER B 40 6.27 5.67 -3.45
CA SER B 40 6.50 6.82 -2.57
C SER B 40 6.41 8.10 -3.37
N ARG B 41 5.95 9.17 -2.73
CA ARG B 41 5.95 10.49 -3.37
C ARG B 41 7.32 11.12 -3.13
N CYS B 42 7.84 11.82 -4.14
CA CYS B 42 9.13 12.50 -4.00
C CYS B 42 9.05 13.88 -4.58
N ASN B 43 10.01 14.72 -4.22
CA ASN B 43 10.16 16.01 -4.89
C ASN B 43 10.91 15.88 -6.22
N ASP B 44 10.88 16.93 -7.01
CA ASP B 44 11.47 16.90 -8.36
C ASP B 44 12.98 16.64 -8.32
N GLN B 45 13.64 17.24 -7.32
CA GLN B 45 15.09 17.14 -7.18
C GLN B 45 15.56 15.71 -6.93
N PHE B 46 14.71 14.89 -6.30
CA PHE B 46 15.09 13.51 -6.02
C PHE B 46 15.43 12.73 -7.31
N LEU B 47 14.63 12.91 -8.34
CA LEU B 47 14.86 12.22 -9.61
C LEU B 47 16.20 12.65 -10.22
N ILE B 48 16.48 13.94 -10.14
CA ILE B 48 17.72 14.51 -10.68
C ILE B 48 18.93 14.00 -9.91
N ASP B 49 18.84 14.05 -8.57
CA ASP B 49 19.93 13.61 -7.72
C ASP B 49 20.28 12.16 -7.94
N ASN B 50 19.25 11.36 -8.22
CA ASN B 50 19.44 9.93 -8.41
C ASN B 50 19.49 9.45 -9.84
N GLN B 51 19.51 10.40 -10.79
CA GLN B 51 19.62 10.09 -12.23
C GLN B 51 18.56 9.07 -12.65
N ILE B 52 17.35 9.32 -12.14
CA ILE B 52 16.17 8.56 -12.55
C ILE B 52 15.49 9.27 -13.71
N THR B 53 15.26 8.54 -14.82
CA THR B 53 14.59 9.15 -15.96
C THR B 53 13.10 9.31 -15.64
N LYS B 54 12.63 10.55 -15.64
CA LYS B 54 11.24 10.84 -15.24
C LYS B 54 10.26 10.23 -16.22
N ALA B 55 9.19 9.67 -15.68
CA ALA B 55 8.08 9.11 -16.45
C ALA B 55 8.38 7.80 -17.17
N ALA B 56 9.56 7.24 -16.92
CA ALA B 56 10.00 6.06 -17.65
C ALA B 56 10.16 4.87 -16.72
N MSE B 57 10.30 3.71 -17.35
CA MSE B 57 10.66 2.48 -16.65
C MSE B 57 12.16 2.38 -16.76
O MSE B 57 12.73 2.24 -17.87
CB MSE B 57 9.93 1.33 -17.35
CG MSE B 57 9.87 0.06 -16.52
SE MSE B 57 11.58 -0.88 -16.46
CE MSE B 57 11.66 -1.39 -18.34
N ASN B 58 12.81 2.45 -15.60
CA ASN B 58 14.25 2.38 -15.47
C ASN B 58 14.65 1.03 -14.92
N LEU B 59 15.26 0.17 -15.73
CA LEU B 59 15.76 -1.13 -15.23
C LEU B 59 16.93 -0.94 -14.28
N ILE B 60 16.94 -1.72 -13.22
CA ILE B 60 18.02 -1.66 -12.22
C ILE B 60 18.46 -3.05 -11.80
N ASP B 61 19.73 -3.15 -11.40
CA ASP B 61 20.20 -4.40 -10.79
C ASP B 61 19.97 -4.46 -9.27
N ALA B 62 20.36 -5.57 -8.66
CA ALA B 62 20.08 -5.78 -7.23
C ALA B 62 20.76 -4.74 -6.37
N GLU B 63 22.00 -4.38 -6.71
CA GLU B 63 22.76 -3.42 -5.92
C GLU B 63 22.09 -2.05 -6.00
N ARG B 64 21.68 -1.64 -7.21
CA ARG B 64 21.00 -0.35 -7.37
C ARG B 64 19.64 -0.35 -6.65
N ALA B 65 18.96 -1.49 -6.65
CA ALA B 65 17.69 -1.61 -5.94
C ALA B 65 17.89 -1.34 -4.45
N GLU B 66 18.92 -1.94 -3.86
CA GLU B 66 19.26 -1.71 -2.45
C GLU B 66 19.58 -0.24 -2.19
N LEU B 67 20.39 0.35 -3.07
CA LEU B 67 20.78 1.75 -2.92
C LEU B 67 19.56 2.69 -3.00
N LEU B 68 18.74 2.53 -4.04
CA LEU B 68 17.57 3.42 -4.19
C LEU B 68 16.61 3.24 -3.01
N TYR B 69 16.39 2.00 -2.60
CA TYR B 69 15.50 1.76 -1.45
C TYR B 69 16.02 2.45 -0.20
N SER B 70 17.34 2.43 0.01
CA SER B 70 17.92 3.10 1.18
C SER B 70 17.65 4.61 1.18
N ARG B 71 17.42 5.20 0.01
CA ARG B 71 17.15 6.63 -0.11
C ARG B 71 15.66 6.98 -0.20
N MSE B 72 14.81 5.95 -0.33
CA MSE B 72 13.38 6.14 -0.52
C MSE B 72 12.71 6.37 0.83
O MSE B 72 13.10 5.79 1.85
CB MSE B 72 12.86 4.86 -1.13
CG MSE B 72 11.37 5.00 -1.42
SE MSE B 72 10.91 3.36 -2.34
CE MSE B 72 9.49 3.99 -3.53
N GLY B 73 11.69 7.22 0.84
CA GLY B 73 10.92 7.44 2.04
C GLY B 73 10.03 6.25 2.41
N PRO B 74 9.27 6.39 3.50
CA PRO B 74 8.25 5.37 3.82
C PRO B 74 7.36 5.11 2.61
N ALA B 75 7.08 3.84 2.35
CA ALA B 75 6.39 3.46 1.12
C ALA B 75 5.13 2.63 1.37
N LEU B 76 4.33 2.47 0.31
CA LEU B 76 3.18 1.57 0.30
C LEU B 76 3.46 0.49 -0.76
N GLU B 77 3.04 -0.75 -0.49
CA GLU B 77 3.19 -1.81 -1.47
C GLU B 77 1.83 -2.19 -2.08
N ALA B 78 1.86 -2.46 -3.37
CA ALA B 78 0.67 -2.87 -4.11
C ALA B 78 1.11 -3.74 -5.26
N SER B 79 0.39 -4.82 -5.50
CA SER B 79 0.66 -5.63 -6.68
C SER B 79 0.60 -4.78 -7.93
N GLY B 80 1.57 -4.97 -8.83
CA GLY B 80 1.65 -4.23 -10.08
C GLY B 80 1.90 -5.15 -11.26
N GLY B 81 2.81 -4.74 -12.14
CA GLY B 81 3.06 -5.46 -13.38
C GLY B 81 2.03 -4.97 -14.40
N SER B 82 2.50 -4.40 -15.51
CA SER B 82 1.62 -3.77 -16.48
CA SER B 82 1.61 -3.78 -16.50
C SER B 82 0.47 -4.70 -16.93
N ALA B 83 0.83 -5.87 -17.46
CA ALA B 83 -0.16 -6.86 -17.90
C ALA B 83 -0.99 -7.43 -16.73
N GLY B 84 -0.37 -7.55 -15.56
CA GLY B 84 -1.09 -7.96 -14.35
C GLY B 84 -2.23 -6.99 -14.06
N ASN B 85 -1.92 -5.70 -14.07
CA ASN B 85 -2.90 -4.63 -13.87
C ASN B 85 -4.00 -4.73 -14.93
N THR B 86 -3.61 -4.95 -16.19
CA THR B 86 -4.61 -5.06 -17.26
C THR B 86 -5.57 -6.26 -17.03
N ALA B 87 -5.01 -7.41 -16.66
CA ALA B 87 -5.86 -8.58 -16.38
C ALA B 87 -6.82 -8.26 -15.24
N ALA B 88 -6.30 -7.63 -14.19
CA ALA B 88 -7.14 -7.31 -13.02
C ALA B 88 -8.26 -6.36 -13.42
N GLY B 89 -7.96 -5.39 -14.29
CA GLY B 89 -8.97 -4.45 -14.74
C GLY B 89 -10.07 -5.09 -15.58
N VAL B 90 -9.71 -6.02 -16.46
CA VAL B 90 -10.70 -6.78 -17.24
C VAL B 90 -11.66 -7.54 -16.29
N ALA B 91 -11.09 -8.23 -15.30
CA ALA B 91 -11.87 -8.97 -14.33
C ALA B 91 -12.80 -8.02 -13.56
N ASN B 92 -12.27 -6.88 -13.16
CA ASN B 92 -13.03 -5.86 -12.40
C ASN B 92 -14.27 -5.42 -13.19
N LEU B 93 -14.08 -5.16 -14.49
CA LEU B 93 -15.17 -4.81 -15.39
C LEU B 93 -16.21 -5.91 -15.61
N GLY B 94 -15.84 -7.16 -15.34
CA GLY B 94 -16.76 -8.29 -15.49
C GLY B 94 -16.36 -9.29 -16.55
N GLY B 95 -15.22 -9.05 -17.20
CA GLY B 95 -14.73 -9.98 -18.20
C GLY B 95 -14.03 -11.16 -17.56
N LYS B 96 -13.71 -12.16 -18.38
CA LYS B 96 -13.04 -13.33 -17.86
C LYS B 96 -11.57 -13.27 -18.24
N ALA B 97 -10.71 -13.21 -17.23
CA ALA B 97 -9.28 -12.95 -17.47
C ALA B 97 -8.37 -14.02 -16.90
N ALA B 98 -7.21 -14.19 -17.54
CA ALA B 98 -6.16 -15.06 -17.09
C ALA B 98 -4.82 -14.32 -17.20
N TYR B 99 -3.82 -14.79 -16.46
CA TYR B 99 -2.51 -14.15 -16.46
C TYR B 99 -1.38 -15.16 -16.41
N PHE B 100 -0.34 -14.95 -17.22
CA PHE B 100 0.92 -15.67 -17.04
C PHE B 100 1.99 -14.68 -16.61
N GLY B 101 2.72 -15.02 -15.57
CA GLY B 101 3.86 -14.20 -15.11
C GLY B 101 4.51 -14.91 -13.95
N ASN B 102 5.82 -14.76 -13.79
CA ASN B 102 6.56 -15.57 -12.85
C ASN B 102 7.03 -14.80 -11.63
N VAL B 103 6.60 -15.26 -10.45
CA VAL B 103 7.09 -14.75 -9.17
C VAL B 103 7.99 -15.80 -8.50
N ALA B 104 8.61 -15.41 -7.38
CA ALA B 104 9.40 -16.34 -6.55
C ALA B 104 8.53 -16.90 -5.43
N ALA B 105 9.03 -17.95 -4.79
CA ALA B 105 8.36 -18.57 -3.65
C ALA B 105 8.80 -17.78 -2.41
N ASP B 106 8.25 -16.57 -2.30
CA ASP B 106 8.58 -15.68 -1.19
C ASP B 106 7.36 -14.85 -0.83
N GLN B 107 7.48 -14.02 0.19
CA GLN B 107 6.33 -13.22 0.67
C GLN B 107 5.78 -12.25 -0.36
N LEU B 108 6.68 -11.62 -1.13
CA LEU B 108 6.23 -10.72 -2.19
C LEU B 108 5.48 -11.50 -3.29
N GLY B 109 5.97 -12.68 -3.61
CA GLY B 109 5.30 -13.54 -4.56
C GLY B 109 3.92 -13.97 -4.07
N ASP B 110 3.83 -14.24 -2.77
CA ASP B 110 2.54 -14.62 -2.15
C ASP B 110 1.55 -13.47 -2.23
N ILE B 111 2.05 -12.25 -2.01
CA ILE B 111 1.20 -11.05 -2.16
C ILE B 111 0.68 -10.93 -3.61
N PHE B 112 1.61 -11.03 -4.57
CA PHE B 112 1.25 -10.93 -5.97
C PHE B 112 0.18 -12.00 -6.33
N THR B 113 0.44 -13.23 -5.90
CA THR B 113 -0.44 -14.34 -6.21
C THR B 113 -1.83 -14.10 -5.61
N HIS B 114 -1.87 -13.64 -4.35
CA HIS B 114 -3.14 -13.40 -3.71
C HIS B 114 -3.93 -12.34 -4.45
N ASP B 115 -3.30 -11.21 -4.77
CA ASP B 115 -4.06 -10.05 -5.24
C ASP B 115 -4.70 -10.32 -6.61
N ILE B 116 -3.94 -10.97 -7.49
CA ILE B 116 -4.46 -11.22 -8.83
CA ILE B 116 -4.46 -11.22 -8.83
C ILE B 116 -5.57 -12.29 -8.80
N ARG B 117 -5.34 -13.36 -8.02
CA ARG B 117 -6.37 -14.42 -7.87
C ARG B 117 -7.61 -13.89 -7.14
N ALA B 118 -7.42 -12.98 -6.19
CA ALA B 118 -8.56 -12.44 -5.40
C ALA B 118 -9.49 -11.59 -6.27
N GLN B 119 -8.94 -11.03 -7.35
CA GLN B 119 -9.68 -10.23 -8.32
C GLN B 119 -10.49 -11.14 -9.29
N GLY B 120 -10.24 -12.45 -9.24
CA GLY B 120 -10.95 -13.40 -10.10
C GLY B 120 -10.24 -13.67 -11.42
N VAL B 121 -8.93 -13.39 -11.44
CA VAL B 121 -8.10 -13.71 -12.58
C VAL B 121 -7.50 -15.12 -12.40
N HIS B 122 -7.62 -15.96 -13.43
CA HIS B 122 -6.93 -17.26 -13.42
C HIS B 122 -5.41 -17.02 -13.42
N TYR B 123 -4.74 -17.49 -12.37
CA TYR B 123 -3.30 -17.35 -12.29
C TYR B 123 -2.68 -18.60 -11.68
N GLN B 124 -1.94 -19.32 -12.54
CA GLN B 124 -1.43 -20.63 -12.20
C GLN B 124 0.08 -20.83 -12.46
N THR B 125 0.78 -19.76 -12.85
CA THR B 125 2.23 -19.87 -13.11
C THR B 125 2.93 -20.27 -11.80
N LYS B 126 3.72 -21.34 -11.86
CA LYS B 126 4.39 -21.88 -10.66
C LYS B 126 5.74 -21.22 -10.37
N PRO B 127 5.99 -20.75 -9.13
CA PRO B 127 7.33 -20.27 -8.82
C PRO B 127 8.38 -21.37 -9.02
N LYS B 128 9.58 -20.97 -9.40
CA LYS B 128 10.65 -21.93 -9.68
CA LYS B 128 10.67 -21.92 -9.69
C LYS B 128 11.64 -22.06 -8.53
N GLY B 129 11.61 -21.11 -7.61
CA GLY B 129 12.48 -21.09 -6.45
C GLY B 129 12.33 -19.79 -5.68
N ALA B 130 13.20 -19.58 -4.69
CA ALA B 130 13.22 -18.32 -3.92
C ALA B 130 14.22 -17.29 -4.45
N PHE B 131 15.17 -17.73 -5.28
CA PHE B 131 16.14 -16.84 -5.90
C PHE B 131 16.12 -17.10 -7.40
N PRO B 132 16.10 -16.03 -8.22
CA PRO B 132 15.98 -14.63 -7.81
C PRO B 132 14.63 -14.34 -7.12
N PRO B 133 14.58 -13.32 -6.25
CA PRO B 133 13.32 -13.07 -5.54
C PRO B 133 12.31 -12.39 -6.45
N THR B 134 11.08 -12.29 -5.98
CA THR B 134 10.01 -11.65 -6.77
C THR B 134 10.40 -10.23 -7.19
N ALA B 135 10.15 -9.92 -8.47
CA ALA B 135 10.39 -8.57 -8.99
C ALA B 135 9.69 -7.48 -8.16
N ARG B 136 10.37 -6.36 -8.05
CA ARG B 136 9.73 -5.19 -7.46
C ARG B 136 10.12 -3.94 -8.24
N SER B 137 9.26 -2.93 -8.19
CA SER B 137 9.51 -1.68 -8.87
C SER B 137 9.29 -0.57 -7.86
N MSE B 138 10.35 0.21 -7.62
CA MSE B 138 10.22 1.40 -6.78
C MSE B 138 9.72 2.50 -7.67
O MSE B 138 10.40 2.91 -8.63
CB MSE B 138 11.54 1.78 -6.12
CG MSE B 138 11.73 0.78 -5.01
SE MSE B 138 13.54 0.97 -4.38
CE MSE B 138 14.38 -0.15 -5.76
N ILE B 139 8.53 2.98 -7.36
CA ILE B 139 7.83 3.95 -8.18
C ILE B 139 7.76 5.26 -7.40
N PHE B 140 8.36 6.31 -7.98
CA PHE B 140 8.41 7.62 -7.35
C PHE B 140 7.40 8.53 -8.06
N VAL B 141 6.44 9.02 -7.28
CA VAL B 141 5.37 9.85 -7.83
C VAL B 141 5.66 11.31 -7.48
N THR B 142 5.82 12.13 -8.51
CA THR B 142 6.12 13.55 -8.30
C THR B 142 4.81 14.34 -8.10
N GLU B 143 4.93 15.63 -7.73
CA GLU B 143 3.74 16.42 -7.35
C GLU B 143 2.73 16.59 -8.50
N ASP B 144 3.22 16.48 -9.73
CA ASP B 144 2.37 16.52 -10.93
C ASP B 144 1.59 15.22 -11.20
N GLY B 145 1.83 14.20 -10.37
CA GLY B 145 1.16 12.90 -10.55
C GLY B 145 1.92 11.97 -11.47
N GLU B 146 2.99 12.45 -12.09
CA GLU B 146 3.83 11.57 -12.92
C GLU B 146 4.51 10.47 -12.09
N ARG B 147 4.76 9.33 -12.72
CA ARG B 147 5.39 8.20 -12.03
CA ARG B 147 5.38 8.20 -12.04
C ARG B 147 6.65 7.76 -12.76
N SER B 148 7.70 7.52 -11.97
CA SER B 148 9.01 7.12 -12.51
C SER B 148 9.41 5.82 -11.83
N MSE B 149 9.54 4.77 -12.64
CA MSE B 149 9.61 3.41 -12.11
C MSE B 149 11.02 2.91 -12.18
O MSE B 149 11.73 3.19 -13.15
CB MSE B 149 8.71 2.44 -12.86
CG MSE B 149 7.36 3.13 -12.97
SE MSE B 149 6.06 1.84 -13.56
CE MSE B 149 6.67 1.58 -15.37
N ASN B 150 11.43 2.16 -11.16
CA ASN B 150 12.78 1.62 -11.07
C ASN B 150 12.68 0.14 -10.73
N THR B 151 12.90 -0.70 -11.75
CA THR B 151 12.45 -2.08 -11.68
C THR B 151 13.60 -3.07 -11.66
N TYR B 152 13.62 -3.88 -10.61
CA TYR B 152 14.51 -5.03 -10.51
C TYR B 152 13.68 -6.26 -10.92
N LEU B 153 14.06 -6.88 -12.05
CA LEU B 153 13.24 -7.93 -12.65
C LEU B 153 13.20 -9.23 -11.85
N GLY B 154 14.21 -9.50 -11.04
CA GLY B 154 14.16 -10.68 -10.18
C GLY B 154 13.74 -11.95 -10.92
N ALA B 155 12.74 -12.62 -10.34
CA ALA B 155 12.20 -13.87 -10.86
C ALA B 155 11.59 -13.76 -12.25
N CYS B 156 11.26 -12.54 -12.70
CA CYS B 156 10.75 -12.38 -14.09
C CYS B 156 11.71 -12.92 -15.14
N VAL B 157 13.00 -12.97 -14.82
CA VAL B 157 13.96 -13.47 -15.83
C VAL B 157 13.74 -14.97 -16.14
N GLU B 158 12.94 -15.66 -15.32
CA GLU B 158 12.77 -17.09 -15.47
C GLU B 158 11.57 -17.48 -16.32
N LEU B 159 10.74 -16.49 -16.69
CA LEU B 159 9.56 -16.77 -17.50
C LEU B 159 10.01 -17.30 -18.87
N GLY B 160 9.47 -18.44 -19.26
CA GLY B 160 9.81 -19.01 -20.56
C GLY B 160 8.68 -19.84 -21.12
N PRO B 161 8.97 -20.59 -22.22
CA PRO B 161 7.96 -21.42 -22.86
C PRO B 161 7.29 -22.44 -21.94
N GLU B 162 7.99 -22.85 -20.88
CA GLU B 162 7.47 -23.87 -19.94
C GLU B 162 6.26 -23.32 -19.18
N ASP B 163 6.10 -22.00 -19.20
CA ASP B 163 5.03 -21.31 -18.49
C ASP B 163 3.80 -21.06 -19.34
N VAL B 164 3.83 -21.51 -20.60
CA VAL B 164 2.67 -21.32 -21.47
C VAL B 164 1.65 -22.43 -21.20
N GLU B 165 0.48 -22.05 -20.69
CA GLU B 165 -0.63 -23.00 -20.50
C GLU B 165 -1.38 -23.01 -21.81
N ALA B 166 -1.10 -24.00 -22.64
CA ALA B 166 -1.54 -23.96 -24.02
C ALA B 166 -3.05 -23.96 -24.15
N ASP B 167 -3.72 -24.69 -23.25
CA ASP B 167 -5.19 -24.74 -23.23
C ASP B 167 -5.80 -23.36 -22.93
N VAL B 168 -5.10 -22.59 -22.09
CA VAL B 168 -5.57 -21.25 -21.73
C VAL B 168 -5.45 -20.33 -22.95
N VAL B 169 -4.29 -20.35 -23.62
CA VAL B 169 -4.12 -19.56 -24.85
C VAL B 169 -5.17 -19.93 -25.90
N ALA B 170 -5.35 -21.23 -26.11
CA ALA B 170 -6.32 -21.76 -27.07
C ALA B 170 -7.77 -21.29 -26.81
N ASP B 171 -8.06 -21.08 -25.52
CA ASP B 171 -9.41 -20.78 -25.00
C ASP B 171 -9.57 -19.30 -24.60
N ALA B 172 -8.68 -18.42 -25.08
CA ALA B 172 -8.81 -16.98 -24.80
C ALA B 172 -9.07 -16.18 -26.08
N LYS B 173 -10.09 -15.30 -26.05
CA LYS B 173 -10.43 -14.48 -27.22
C LYS B 173 -9.26 -13.60 -27.67
N VAL B 174 -8.63 -12.94 -26.71
CA VAL B 174 -7.42 -12.14 -26.96
C VAL B 174 -6.30 -12.55 -26.00
N THR B 175 -5.09 -12.74 -26.53
CA THR B 175 -3.88 -12.83 -25.70
C THR B 175 -3.09 -11.53 -25.89
N TYR B 176 -2.84 -10.84 -24.78
CA TYR B 176 -2.20 -9.52 -24.76
C TYR B 176 -0.92 -9.60 -23.95
N PHE B 177 0.15 -8.99 -24.47
CA PHE B 177 1.43 -9.04 -23.78
C PHE B 177 2.18 -7.72 -23.79
N GLU B 178 3.14 -7.62 -22.88
CA GLU B 178 3.95 -6.39 -22.75
C GLU B 178 5.18 -6.39 -23.65
N GLY B 179 5.40 -5.25 -24.30
CA GLY B 179 6.72 -4.97 -24.88
C GLY B 179 7.85 -5.13 -23.86
N TYR B 180 7.57 -4.82 -22.60
CA TYR B 180 8.50 -5.04 -21.49
C TYR B 180 9.07 -6.47 -21.44
N LEU B 181 8.34 -7.45 -21.98
CA LEU B 181 8.84 -8.83 -21.95
C LEU B 181 10.09 -9.07 -22.80
N TRP B 182 10.50 -8.09 -23.60
CA TRP B 182 11.68 -8.26 -24.44
C TRP B 182 12.96 -8.02 -23.64
N ASP B 183 12.84 -7.47 -22.43
CA ASP B 183 14.02 -7.31 -21.57
C ASP B 183 14.54 -8.62 -20.96
N PRO B 184 13.66 -9.39 -20.27
CA PRO B 184 14.11 -10.71 -19.79
C PRO B 184 14.47 -11.63 -20.96
N PRO B 185 15.25 -12.68 -20.70
CA PRO B 185 15.88 -13.35 -21.85
C PRO B 185 14.99 -14.29 -22.64
N ARG B 186 14.07 -14.98 -21.98
CA ARG B 186 13.38 -16.09 -22.61
C ARG B 186 11.88 -15.86 -22.76
N ALA B 187 11.37 -14.74 -22.23
CA ALA B 187 9.95 -14.49 -22.31
C ALA B 187 9.44 -14.37 -23.77
N LYS B 188 10.27 -13.84 -24.66
CA LYS B 188 9.88 -13.72 -26.06
C LYS B 188 9.57 -15.07 -26.70
N GLU B 189 10.26 -16.13 -26.28
CA GLU B 189 9.97 -17.49 -26.76
C GLU B 189 8.57 -17.93 -26.35
N ALA B 190 8.18 -17.63 -25.10
CA ALA B 190 6.82 -17.90 -24.64
C ALA B 190 5.79 -17.16 -25.49
N ILE B 191 6.07 -15.89 -25.79
CA ILE B 191 5.16 -15.08 -26.59
C ILE B 191 4.99 -15.62 -28.02
N LEU B 192 6.09 -16.01 -28.66
CA LEU B 192 5.98 -16.61 -30.00
C LEU B 192 5.14 -17.90 -29.95
N ASP B 193 5.29 -18.70 -28.90
CA ASP B 193 4.45 -19.89 -28.74
C ASP B 193 2.98 -19.51 -28.57
N CYS B 194 2.71 -18.47 -27.77
CA CYS B 194 1.34 -17.96 -27.61
C CYS B 194 0.74 -17.52 -28.94
N ALA B 195 1.51 -16.76 -29.72
CA ALA B 195 1.00 -16.28 -31.01
C ALA B 195 0.62 -17.45 -31.91
N ARG B 196 1.45 -18.48 -31.92
CA ARG B 196 1.18 -19.67 -32.74
C ARG B 196 -0.14 -20.33 -32.32
N ILE B 197 -0.25 -20.62 -31.03
CA ILE B 197 -1.44 -21.29 -30.50
C ILE B 197 -2.69 -20.41 -30.71
N ALA B 198 -2.60 -19.14 -30.36
CA ALA B 198 -3.73 -18.19 -30.50
C ALA B 198 -4.28 -18.19 -31.91
N HIS B 199 -3.38 -17.99 -32.87
CA HIS B 199 -3.80 -17.89 -34.27
C HIS B 199 -4.27 -19.22 -34.85
N GLN B 200 -3.71 -20.34 -34.38
CA GLN B 200 -4.16 -21.68 -34.77
C GLN B 200 -5.62 -21.89 -34.36
N HIS B 201 -6.03 -21.25 -33.27
CA HIS B 201 -7.40 -21.35 -32.75
C HIS B 201 -8.29 -20.17 -33.08
N GLY B 202 -7.83 -19.32 -33.99
CA GLY B 202 -8.65 -18.22 -34.49
C GLY B 202 -8.84 -17.09 -33.49
N ARG B 203 -7.92 -17.01 -32.54
CA ARG B 203 -7.94 -15.95 -31.55
C ARG B 203 -7.10 -14.78 -32.04
N GLU B 204 -7.06 -13.71 -31.26
CA GLU B 204 -6.30 -12.52 -31.64
C GLU B 204 -5.21 -12.23 -30.63
N MSE B 205 -4.13 -11.64 -31.14
CA MSE B 205 -2.96 -11.29 -30.32
C MSE B 205 -2.86 -9.80 -30.20
O MSE B 205 -3.11 -9.05 -31.16
CB MSE B 205 -1.67 -11.75 -31.02
CG MSE B 205 -1.45 -13.27 -31.08
SE MSE B 205 -1.24 -14.02 -29.26
CE MSE B 205 0.31 -13.00 -28.62
N SER B 206 -2.44 -9.34 -29.03
CA SER B 206 -2.34 -7.91 -28.80
C SER B 206 -1.08 -7.62 -28.00
N MSE B 207 -0.49 -6.44 -28.21
CA MSE B 207 0.66 -6.04 -27.41
C MSE B 207 0.58 -4.59 -27.08
O MSE B 207 -0.09 -3.80 -27.76
CB MSE B 207 1.96 -6.33 -28.13
CG MSE B 207 2.43 -5.17 -28.97
SE MSE B 207 4.17 -5.66 -29.74
CE MSE B 207 5.29 -5.32 -28.16
N THR B 208 1.26 -4.22 -25.99
CA THR B 208 1.47 -2.81 -25.72
C THR B 208 2.95 -2.50 -25.93
N LEU B 209 3.21 -1.31 -26.49
CA LEU B 209 4.60 -0.86 -26.65
C LEU B 209 5.30 -0.52 -25.32
N SER B 210 4.52 -0.41 -24.23
CA SER B 210 5.02 -0.37 -22.84
C SER B 210 5.69 0.93 -22.40
N ASP B 211 6.73 1.34 -23.12
CA ASP B 211 7.54 2.45 -22.66
C ASP B 211 8.40 2.93 -23.82
N SER B 212 8.57 4.25 -23.95
CA SER B 212 9.30 4.77 -25.12
C SER B 212 10.76 4.28 -25.22
N PHE B 213 11.44 4.11 -24.09
CA PHE B 213 12.79 3.54 -24.09
C PHE B 213 12.79 2.06 -24.41
N CYS B 214 11.74 1.36 -23.99
CA CYS B 214 11.58 -0.05 -24.35
C CYS B 214 11.46 -0.15 -25.89
N VAL B 215 10.67 0.74 -26.47
CA VAL B 215 10.56 0.84 -27.93
C VAL B 215 11.92 1.15 -28.55
N ASP B 216 12.67 2.10 -27.99
CA ASP B 216 14.01 2.40 -28.51
C ASP B 216 14.88 1.10 -28.51
N ARG B 217 14.75 0.26 -27.47
CA ARG B 217 15.56 -0.96 -27.38
C ARG B 217 15.17 -2.04 -28.42
N TYR B 218 13.88 -2.12 -28.75
CA TYR B 218 13.32 -3.28 -29.50
C TYR B 218 12.49 -2.89 -30.70
N ARG B 219 12.73 -1.67 -31.21
CA ARG B 219 12.01 -1.10 -32.32
CA ARG B 219 11.99 -1.10 -32.32
C ARG B 219 11.80 -2.09 -33.48
N GLY B 220 12.92 -2.63 -33.98
CA GLY B 220 12.87 -3.52 -35.14
C GLY B 220 12.07 -4.77 -34.85
N GLU B 221 12.24 -5.32 -33.65
CA GLU B 221 11.57 -6.53 -33.27
C GLU B 221 10.07 -6.29 -33.14
N PHE B 222 9.71 -5.16 -32.51
CA PHE B 222 8.28 -4.80 -32.42
C PHE B 222 7.63 -4.62 -33.79
N LEU B 223 8.30 -3.91 -34.69
CA LEU B 223 7.75 -3.73 -36.04
C LEU B 223 7.58 -5.08 -36.74
N ASP B 224 8.54 -5.99 -36.53
CA ASP B 224 8.46 -7.33 -37.12
C ASP B 224 7.26 -8.12 -36.58
N LEU B 225 7.02 -8.02 -35.28
CA LEU B 225 5.84 -8.67 -34.70
C LEU B 225 4.54 -8.21 -35.39
N MSE B 226 4.45 -6.91 -35.64
CA MSE B 226 3.25 -6.33 -36.26
C MSE B 226 3.15 -6.70 -37.73
O MSE B 226 2.12 -7.21 -38.18
CB MSE B 226 3.25 -4.80 -36.09
CG MSE B 226 3.14 -4.41 -34.62
SE MSE B 226 3.86 -2.60 -34.31
CE MSE B 226 2.41 -1.56 -35.13
N ARG B 227 4.22 -6.46 -38.49
CA ARG B 227 4.20 -6.70 -39.94
C ARG B 227 4.06 -8.17 -40.32
N SER B 228 4.58 -9.07 -39.48
CA SER B 228 4.42 -10.50 -39.73
C SER B 228 3.05 -11.04 -39.35
N GLY B 229 2.21 -10.21 -38.71
CA GLY B 229 0.89 -10.64 -38.27
C GLY B 229 0.88 -11.40 -36.96
N LYS B 230 2.01 -11.46 -36.26
CA LYS B 230 2.05 -12.13 -34.96
C LYS B 230 1.21 -11.35 -33.95
N VAL B 231 1.15 -10.02 -34.11
CA VAL B 231 0.33 -9.12 -33.30
CA VAL B 231 0.27 -9.19 -33.30
C VAL B 231 -0.76 -8.48 -34.17
N ASP B 232 -2.00 -8.53 -33.70
CA ASP B 232 -3.15 -7.98 -34.43
C ASP B 232 -3.56 -6.61 -33.92
N ILE B 233 -3.48 -6.40 -32.61
CA ILE B 233 -3.94 -5.16 -31.98
C ILE B 233 -2.82 -4.57 -31.15
N VAL B 234 -2.44 -3.32 -31.44
CA VAL B 234 -1.33 -2.64 -30.75
CA VAL B 234 -1.34 -2.68 -30.73
C VAL B 234 -1.79 -1.45 -29.91
N PHE B 235 -1.29 -1.37 -28.69
CA PHE B 235 -1.53 -0.24 -27.80
C PHE B 235 -0.26 0.60 -27.70
N ALA B 236 -0.42 1.91 -27.78
CA ALA B 236 0.71 2.83 -27.69
C ALA B 236 0.24 4.12 -27.06
N ASN B 237 1.09 4.81 -26.33
CA ASN B 237 0.84 6.22 -26.07
C ASN B 237 1.57 7.08 -27.14
N ARG B 238 1.38 8.39 -27.07
CA ARG B 238 1.98 9.29 -28.04
C ARG B 238 3.49 9.12 -28.13
N GLN B 239 4.16 9.11 -26.98
CA GLN B 239 5.62 9.00 -26.93
C GLN B 239 6.12 7.68 -27.55
N GLU B 240 5.41 6.58 -27.26
CA GLU B 240 5.77 5.29 -27.82
C GLU B 240 5.62 5.27 -29.33
N ALA B 241 4.52 5.84 -29.83
CA ALA B 241 4.24 5.91 -31.27
C ALA B 241 5.31 6.72 -31.99
N LEU B 242 5.67 7.87 -31.42
CA LEU B 242 6.76 8.70 -31.98
C LEU B 242 8.10 7.94 -31.98
N SER B 243 8.36 7.22 -30.89
N SER B 243 8.38 7.23 -30.89
CA SER B 243 9.59 6.45 -30.74
CA SER B 243 9.62 6.48 -30.80
C SER B 243 9.65 5.30 -31.75
C SER B 243 9.66 5.33 -31.79
N LEU B 244 8.50 4.68 -32.01
CA LEU B 244 8.45 3.51 -32.92
C LEU B 244 8.98 3.87 -34.31
N TYR B 245 8.64 5.08 -34.76
CA TYR B 245 9.01 5.55 -36.10
C TYR B 245 10.09 6.63 -36.06
N GLN B 246 10.62 6.90 -34.87
CA GLN B 246 11.70 7.89 -34.66
C GLN B 246 11.36 9.21 -35.33
N THR B 247 10.17 9.69 -35.04
CA THR B 247 9.66 10.89 -35.67
C THR B 247 9.17 11.89 -34.63
N ASP B 248 9.16 13.16 -35.00
CA ASP B 248 8.50 14.19 -34.19
C ASP B 248 7.08 14.48 -34.66
N ASP B 249 6.68 13.84 -35.75
CA ASP B 249 5.42 14.11 -36.43
C ASP B 249 4.38 13.08 -36.03
N PHE B 250 3.47 13.48 -35.15
CA PHE B 250 2.46 12.54 -34.64
C PHE B 250 1.52 12.03 -35.72
N GLU B 251 1.20 12.87 -36.70
CA GLU B 251 0.39 12.41 -37.82
C GLU B 251 1.07 11.34 -38.66
N GLU B 252 2.37 11.47 -38.89
CA GLU B 252 3.15 10.40 -39.51
C GLU B 252 3.05 9.10 -38.70
N ALA B 253 3.28 9.21 -37.40
CA ALA B 253 3.24 8.04 -36.53
C ALA B 253 1.87 7.33 -36.62
N LEU B 254 0.79 8.10 -36.64
CA LEU B 254 -0.55 7.49 -36.75
C LEU B 254 -0.74 6.79 -38.09
N ASN B 255 -0.30 7.44 -39.16
CA ASN B 255 -0.43 6.85 -40.49
C ASN B 255 0.38 5.55 -40.59
N ARG B 256 1.59 5.58 -40.05
CA ARG B 256 2.45 4.42 -40.14
C ARG B 256 1.95 3.26 -39.27
N ILE B 257 1.50 3.56 -38.05
CA ILE B 257 1.08 2.49 -37.16
C ILE B 257 -0.18 1.81 -37.70
N ALA B 258 -1.04 2.59 -38.35
CA ALA B 258 -2.23 2.05 -38.99
C ALA B 258 -1.88 1.10 -40.16
N ALA B 259 -0.76 1.36 -40.83
CA ALA B 259 -0.31 0.54 -41.94
C ALA B 259 0.37 -0.75 -41.45
N ASP B 260 0.86 -0.73 -40.21
CA ASP B 260 1.65 -1.83 -39.65
C ASP B 260 0.89 -2.89 -38.82
N CYS B 261 -0.35 -2.57 -38.42
CA CYS B 261 -1.14 -3.52 -37.61
CA CYS B 261 -1.14 -3.44 -37.53
C CYS B 261 -2.62 -3.37 -37.93
N LYS B 262 -3.40 -4.39 -37.59
CA LYS B 262 -4.83 -4.42 -37.98
C LYS B 262 -5.61 -3.35 -37.22
N ILE B 263 -5.36 -3.26 -35.91
CA ILE B 263 -6.00 -2.24 -35.09
C ILE B 263 -4.94 -1.62 -34.17
N ALA B 264 -4.91 -0.29 -34.10
CA ALA B 264 -4.04 0.44 -33.17
C ALA B 264 -4.88 1.32 -32.25
N ALA B 265 -4.54 1.29 -30.97
CA ALA B 265 -5.19 2.16 -30.00
C ALA B 265 -4.10 3.06 -29.43
N VAL B 266 -4.17 4.36 -29.72
CA VAL B 266 -3.11 5.30 -29.35
C VAL B 266 -3.65 6.31 -28.33
N THR B 267 -3.06 6.30 -27.14
CA THR B 267 -3.51 7.18 -26.06
C THR B 267 -2.74 8.49 -26.10
N MSE B 268 -3.39 9.55 -25.66
CA MSE B 268 -2.83 10.90 -25.70
C MSE B 268 -3.06 11.63 -24.41
O MSE B 268 -3.36 12.84 -24.40
CB MSE B 268 -3.38 11.67 -26.91
CG MSE B 268 -3.16 10.89 -28.19
SE MSE B 268 -4.18 11.82 -29.59
CE MSE B 268 -6.01 11.47 -28.96
N SER B 269 -2.91 10.91 -23.30
CA SER B 269 -3.04 11.47 -21.96
C SER B 269 -4.33 12.27 -21.80
N GLU B 270 -4.23 13.54 -21.38
CA GLU B 270 -5.41 14.38 -21.17
C GLU B 270 -6.22 14.65 -22.45
N ASN B 271 -5.59 14.42 -23.59
CA ASN B 271 -6.27 14.57 -24.89
C ASN B 271 -7.03 13.31 -25.36
N GLY B 272 -7.16 12.31 -24.49
CA GLY B 272 -7.97 11.11 -24.79
C GLY B 272 -7.21 10.05 -25.56
N ALA B 273 -7.79 9.60 -26.66
CA ALA B 273 -7.21 8.50 -27.45
C ALA B 273 -7.77 8.50 -28.87
N VAL B 274 -7.08 7.79 -29.76
CA VAL B 274 -7.57 7.56 -31.11
C VAL B 274 -7.40 6.09 -31.47
N ILE B 275 -8.44 5.51 -32.06
CA ILE B 275 -8.42 4.10 -32.43
C ILE B 275 -8.39 4.08 -33.96
N LEU B 276 -7.45 3.31 -34.50
CA LEU B 276 -7.23 3.24 -35.93
C LEU B 276 -7.47 1.83 -36.42
N LYS B 277 -8.21 1.70 -37.53
CA LYS B 277 -8.36 0.43 -38.21
C LYS B 277 -8.40 0.70 -39.69
N GLY B 278 -7.33 0.31 -40.39
CA GLY B 278 -7.16 0.64 -41.81
C GLY B 278 -7.19 2.14 -41.99
N ARG B 279 -8.20 2.64 -42.70
CA ARG B 279 -8.40 4.08 -42.86
C ARG B 279 -9.39 4.70 -41.86
N GLU B 280 -10.05 3.86 -41.05
CA GLU B 280 -10.97 4.31 -40.01
C GLU B 280 -10.21 4.97 -38.84
N ARG B 281 -10.73 6.09 -38.33
CA ARG B 281 -10.21 6.72 -37.12
C ARG B 281 -11.35 7.10 -36.19
N TYR B 282 -11.22 6.72 -34.92
CA TYR B 282 -12.24 7.01 -33.90
C TYR B 282 -11.57 7.75 -32.74
N TYR B 283 -11.88 9.03 -32.61
CA TYR B 283 -11.33 9.83 -31.53
C TYR B 283 -12.23 9.79 -30.31
N VAL B 284 -11.62 9.63 -29.14
CA VAL B 284 -12.35 9.55 -27.90
C VAL B 284 -11.77 10.51 -26.86
N ASN B 285 -12.63 11.17 -26.08
CA ASN B 285 -12.20 12.11 -25.07
C ASN B 285 -11.79 11.48 -23.75
N ALA B 286 -10.86 12.12 -23.05
CA ALA B 286 -10.55 11.77 -21.66
C ALA B 286 -11.75 12.12 -20.78
N ILE B 287 -11.98 11.34 -19.72
CA ILE B 287 -13.06 11.68 -18.77
C ILE B 287 -12.62 12.87 -17.91
N ARG B 288 -13.59 13.56 -17.31
CA ARG B 288 -13.29 14.60 -16.35
C ARG B 288 -12.82 13.97 -15.03
N ILE B 289 -11.78 14.55 -14.44
CA ILE B 289 -11.20 14.01 -13.21
C ILE B 289 -11.08 15.06 -12.12
N ARG B 290 -11.06 14.62 -10.87
CA ARG B 290 -10.88 15.52 -9.73
C ARG B 290 -9.44 16.04 -9.64
N GLU B 291 -8.47 15.15 -9.81
CA GLU B 291 -7.06 15.50 -9.67
C GLU B 291 -6.24 14.30 -10.12
N VAL B 292 -5.09 14.57 -10.76
CA VAL B 292 -4.14 13.51 -11.10
C VAL B 292 -3.32 13.19 -9.85
N VAL B 293 -3.71 12.14 -9.17
CA VAL B 293 -3.07 11.67 -7.95
C VAL B 293 -1.78 10.90 -8.27
N ASP B 294 -1.89 9.92 -9.17
CA ASP B 294 -0.77 9.04 -9.49
C ASP B 294 -1.12 8.38 -10.83
N THR B 295 -0.38 8.70 -11.88
CA THR B 295 -0.67 8.18 -13.22
C THR B 295 -0.33 6.69 -13.41
N THR B 296 0.26 6.05 -12.39
CA THR B 296 0.62 4.63 -12.50
C THR B 296 -0.59 3.78 -12.86
N GLY B 297 -0.44 3.03 -13.95
CA GLY B 297 -1.50 2.13 -14.42
C GLY B 297 -2.44 2.67 -15.48
N ALA B 298 -2.30 3.96 -15.84
CA ALA B 298 -3.26 4.59 -16.76
C ALA B 298 -3.35 3.82 -18.07
N GLY B 299 -2.20 3.59 -18.72
CA GLY B 299 -2.21 2.85 -19.96
C GLY B 299 -2.69 1.40 -19.79
N ASP B 300 -2.33 0.78 -18.67
CA ASP B 300 -2.73 -0.60 -18.38
C ASP B 300 -4.25 -0.73 -18.33
N LEU B 301 -4.86 0.23 -17.66
CA LEU B 301 -6.31 0.24 -17.49
C LEU B 301 -7.06 0.72 -18.73
N PHE B 302 -6.44 1.61 -19.54
CA PHE B 302 -6.99 1.85 -20.85
C PHE B 302 -7.11 0.53 -21.63
N ALA B 303 -6.06 -0.29 -21.63
CA ALA B 303 -6.10 -1.59 -22.29
C ALA B 303 -7.17 -2.50 -21.69
N SER B 304 -7.36 -2.45 -20.36
CA SER B 304 -8.43 -3.23 -19.72
C SER B 304 -9.80 -2.87 -20.30
N GLY B 305 -10.11 -1.59 -20.30
CA GLY B 305 -11.40 -1.08 -20.80
C GLY B 305 -11.58 -1.40 -22.27
N PHE B 306 -10.55 -1.09 -23.07
CA PHE B 306 -10.61 -1.41 -24.49
C PHE B 306 -10.86 -2.91 -24.78
N LEU B 307 -10.04 -3.77 -24.17
CA LEU B 307 -10.14 -5.20 -24.45
C LEU B 307 -11.42 -5.80 -23.88
N TYR B 308 -11.90 -5.26 -22.76
CA TYR B 308 -13.19 -5.71 -22.22
C TYR B 308 -14.28 -5.40 -23.25
N GLY B 309 -14.33 -4.16 -23.70
CA GLY B 309 -15.30 -3.79 -24.73
C GLY B 309 -15.16 -4.63 -25.98
N TYR B 310 -13.91 -4.85 -26.40
CA TYR B 310 -13.63 -5.54 -27.67
C TYR B 310 -14.15 -6.97 -27.66
N THR B 311 -13.93 -7.66 -26.54
CA THR B 311 -14.34 -9.05 -26.38
C THR B 311 -15.83 -9.17 -26.00
N GLN B 312 -16.49 -8.04 -25.77
CA GLN B 312 -17.95 -8.01 -25.59
C GLN B 312 -18.63 -7.61 -26.89
N GLY B 313 -17.85 -7.51 -27.97
CA GLY B 313 -18.40 -7.21 -29.30
C GLY B 313 -18.75 -5.74 -29.53
N ARG B 314 -18.19 -4.85 -28.71
CA ARG B 314 -18.53 -3.43 -28.79
C ARG B 314 -17.82 -2.71 -29.95
N SER B 315 -18.39 -1.58 -30.38
CA SER B 315 -17.78 -0.76 -31.43
C SER B 315 -16.39 -0.30 -30.98
N LEU B 316 -15.49 -0.06 -31.93
CA LEU B 316 -14.17 0.47 -31.56
C LEU B 316 -14.25 1.79 -30.78
N GLU B 317 -15.17 2.67 -31.15
CA GLU B 317 -15.35 3.91 -30.39
C GLU B 317 -15.74 3.63 -28.92
N ASP B 318 -16.68 2.71 -28.72
CA ASP B 318 -17.09 2.32 -27.35
C ASP B 318 -15.96 1.63 -26.58
N CYS B 319 -15.15 0.84 -27.29
CA CYS B 319 -13.95 0.25 -26.66
C CYS B 319 -13.02 1.37 -26.16
N GLY B 320 -12.81 2.38 -26.99
CA GLY B 320 -12.04 3.55 -26.59
C GLY B 320 -12.65 4.26 -25.38
N LYS B 321 -13.99 4.39 -25.38
CA LYS B 321 -14.64 5.06 -24.26
C LYS B 321 -14.50 4.27 -22.98
N LEU B 322 -14.60 2.94 -23.06
CA LEU B 322 -14.40 2.09 -21.88
C LEU B 322 -12.98 2.19 -21.37
N GLY B 323 -12.03 2.23 -22.29
CA GLY B 323 -10.61 2.41 -21.95
C GLY B 323 -10.37 3.74 -21.23
N CYS B 324 -10.92 4.83 -21.77
CA CYS B 324 -10.72 6.14 -21.14
C CYS B 324 -11.39 6.23 -19.76
N LEU B 325 -12.53 5.57 -19.60
CA LEU B 325 -13.16 5.53 -18.29
C LEU B 325 -12.27 4.83 -17.27
N ALA B 326 -11.77 3.64 -17.61
CA ALA B 326 -10.98 2.85 -16.66
C ALA B 326 -9.69 3.59 -16.34
N ALA B 327 -9.03 4.13 -17.37
CA ALA B 327 -7.79 4.89 -17.15
C ALA B 327 -8.00 6.13 -16.27
N GLY B 328 -9.05 6.88 -16.56
CA GLY B 328 -9.37 8.07 -15.76
C GLY B 328 -9.65 7.77 -14.29
N ILE B 329 -10.24 6.61 -14.00
CA ILE B 329 -10.46 6.18 -12.62
C ILE B 329 -9.13 5.84 -11.92
N VAL B 330 -8.27 5.06 -12.59
CA VAL B 330 -7.05 4.60 -11.92
C VAL B 330 -6.08 5.73 -11.56
N ILE B 331 -6.05 6.81 -12.35
CA ILE B 331 -5.12 7.90 -12.06
C ILE B 331 -5.54 8.80 -10.89
N GLN B 332 -6.76 8.56 -10.37
CA GLN B 332 -7.26 9.34 -9.25
C GLN B 332 -7.04 8.64 -7.90
N GLN B 333 -6.23 7.60 -7.91
CA GLN B 333 -5.96 6.85 -6.66
C GLN B 333 -4.50 6.46 -6.59
N ILE B 334 -4.04 6.12 -5.39
CA ILE B 334 -2.74 5.48 -5.21
C ILE B 334 -2.91 3.97 -5.41
N GLY B 335 -2.05 3.36 -6.22
CA GLY B 335 -2.21 1.95 -6.52
C GLY B 335 -2.60 1.81 -7.99
N PRO B 336 -1.94 0.86 -8.69
CA PRO B 336 -2.12 0.70 -10.13
C PRO B 336 -3.36 -0.08 -10.53
N ARG B 337 -4.12 -0.58 -9.55
CA ARG B 337 -5.32 -1.37 -9.85
C ARG B 337 -6.50 -0.74 -9.13
N PRO B 338 -7.53 -0.31 -9.89
CA PRO B 338 -8.68 0.33 -9.26
C PRO B 338 -9.22 -0.47 -8.08
N MSE B 339 -9.44 0.24 -6.98
CA MSE B 339 -9.99 -0.33 -5.75
C MSE B 339 -11.49 -0.25 -5.74
O MSE B 339 -12.14 -0.77 -4.83
CB MSE B 339 -9.39 0.43 -4.58
CG MSE B 339 -7.91 0.09 -4.49
SE MSE B 339 -7.14 1.04 -2.95
CE MSE B 339 -6.92 2.82 -3.77
N THR B 340 -12.05 0.43 -6.75
CA THR B 340 -13.49 0.60 -6.88
C THR B 340 -14.02 -0.27 -8.03
N SER B 341 -15.34 -0.41 -8.10
CA SER B 341 -15.96 -1.22 -9.12
C SER B 341 -15.99 -0.51 -10.47
N LEU B 342 -15.23 -1.04 -11.42
CA LEU B 342 -15.24 -0.52 -12.77
C LEU B 342 -16.55 -0.81 -13.49
N SER B 343 -17.15 -1.97 -13.24
CA SER B 343 -18.44 -2.28 -13.83
C SER B 343 -19.52 -1.31 -13.37
N GLU B 344 -19.51 -0.93 -12.08
CA GLU B 344 -20.45 0.08 -11.59
C GLU B 344 -20.23 1.43 -12.27
N ALA B 345 -18.97 1.82 -12.42
CA ALA B 345 -18.62 3.08 -13.06
C ALA B 345 -19.07 3.12 -14.51
N ALA B 346 -18.84 2.01 -15.21
CA ALA B 346 -19.27 1.84 -16.61
C ALA B 346 -20.80 1.93 -16.74
N LYS B 347 -21.51 1.30 -15.81
CA LYS B 347 -22.99 1.36 -15.77
C LYS B 347 -23.47 2.79 -15.59
N GLN B 348 -22.87 3.49 -14.63
CA GLN B 348 -23.20 4.89 -14.34
C GLN B 348 -22.92 5.85 -15.49
N ALA B 349 -21.80 5.62 -16.19
CA ALA B 349 -21.42 6.43 -17.35
C ALA B 349 -22.22 6.02 -18.59
N GLY B 350 -23.16 5.10 -18.42
CA GLY B 350 -23.97 4.56 -19.52
C GLY B 350 -23.21 3.81 -20.61
N LEU B 351 -22.04 3.26 -20.28
CA LEU B 351 -21.26 2.51 -21.25
C LEU B 351 -21.63 1.03 -21.28
N ILE B 352 -22.23 0.54 -20.20
CA ILE B 352 -22.86 -0.78 -20.15
C ILE B 352 -24.20 -0.68 -19.41
O5' ADN C . -3.93 1.48 15.43
C5' ADN C . -3.90 0.87 14.13
C4' ADN C . -2.72 -0.07 14.02
O4' ADN C . -2.91 -1.16 14.94
C3' ADN C . -2.54 -0.74 12.65
O3' ADN C . -1.55 -0.04 11.89
C2' ADN C . -2.11 -2.17 13.04
O2' ADN C . -0.87 -2.63 12.51
C1' ADN C . -1.96 -2.12 14.55
N9 ADN C . -2.25 -3.39 15.22
C8 ADN C . -3.11 -4.38 14.90
N7 ADN C . -3.02 -5.39 15.80
C5 ADN C . -2.13 -5.04 16.72
C6 ADN C . -1.54 -5.65 17.91
N6 ADN C . -1.99 -6.84 18.36
N1 ADN C . -0.58 -4.96 18.54
C2 ADN C . -0.15 -3.74 18.13
N3 ADN C . -0.61 -3.12 17.04
C4 ADN C . -1.59 -3.72 16.32
O5' ADN D . -10.06 8.67 17.68
C5' ADN D . -8.92 9.38 18.18
C4' ADN D . -8.88 10.79 17.59
O4' ADN D . -9.09 10.72 16.17
C3' ADN D . -9.99 11.70 18.11
O3' ADN D . -9.63 12.36 19.34
C2' ADN D . -10.17 12.68 16.96
O2' ADN D . -9.19 13.74 17.06
C1' ADN D . -9.88 11.83 15.73
N9 ADN D . -11.15 11.36 15.13
C8 ADN D . -11.66 10.10 15.18
N7 ADN D . -12.84 10.05 14.51
C5 ADN D . -13.11 11.27 14.02
C6 ADN D . -14.19 11.92 13.22
N6 ADN D . -15.25 11.21 12.80
N1 ADN D . -14.06 13.23 12.93
C2 ADN D . -12.99 13.97 13.34
N3 ADN D . -11.98 13.44 14.07
C4 ADN D . -11.99 12.13 14.43
S DMS E . -1.86 -14.16 5.96
O DMS E . -1.00 -14.22 7.14
C1 DMS E . -1.42 -12.88 4.91
C2 DMS E . -1.49 -15.53 5.02
S DMS F . 1.98 -16.96 8.56
O DMS F . 2.20 -17.29 7.13
C1 DMS F . 0.30 -17.02 8.81
C2 DMS F . 2.51 -18.29 9.50
K K G . -5.86 5.78 7.95
O5' ADN H . 2.09 0.64 -15.85
C5' ADN H . 2.38 0.74 -14.44
C4' ADN H . 2.93 -0.58 -13.95
O4' ADN H . 4.15 -0.87 -14.64
C3' ADN H . 3.32 -0.61 -12.46
O3' ADN H . 2.26 -1.23 -11.72
C2' ADN H . 4.61 -1.46 -12.43
O2' ADN H . 4.58 -2.64 -11.65
C1' ADN H . 4.74 -1.90 -13.88
N9 ADN H . 6.12 -2.11 -14.31
C8 ADN H . 7.24 -1.46 -13.93
N7 ADN H . 8.33 -1.95 -14.56
C5 ADN H . 7.90 -2.93 -15.37
C6 ADN H . 8.50 -3.90 -16.28
N6 ADN H . 9.83 -3.86 -16.53
N1 ADN H . 7.68 -4.77 -16.90
C2 ADN H . 6.33 -4.83 -16.69
N3 ADN H . 5.72 -3.98 -15.86
C4 ADN H . 6.44 -3.04 -15.18
O5' ADN I . -2.69 7.80 -20.57
C5' ADN I . -3.51 6.67 -20.87
C4' ADN I . -4.97 7.07 -20.64
O4' ADN I . -5.12 7.59 -19.31
C3' ADN I . -5.42 8.20 -21.56
O3' ADN I . -5.91 7.72 -22.82
C2' ADN I . -6.52 8.87 -20.75
O2' ADN I . -7.77 8.21 -20.99
C1' ADN I . -6.09 8.65 -19.31
N9 ADN I . -5.47 9.90 -18.82
C8 ADN I . -4.16 10.21 -18.75
N7 ADN I . -4.00 11.47 -18.25
C5 ADN I . -5.23 11.97 -18.01
C6 ADN I . -5.79 13.23 -17.49
N6 ADN I . -4.97 14.25 -17.12
N1 ADN I . -7.14 13.35 -17.40
C2 ADN I . -7.96 12.34 -17.77
N3 ADN I . -7.52 11.16 -18.25
C4 ADN I . -6.19 10.93 -18.38
S DMS J . 14.76 -3.20 -2.94
O DMS J . 14.72 -4.21 -4.02
C1 DMS J . 13.21 -2.87 -2.33
C2 DMS J . 15.50 -3.90 -1.58
S DMS K . 16.72 -7.95 -3.99
O DMS K . 17.87 -8.89 -4.01
C1 DMS K . 16.50 -7.48 -2.36
C2 DMS K . 17.21 -6.46 -4.67
K K L . -2.71 5.07 -9.81
#